data_6NET
#
_entry.id   6NET
#
_cell.length_a   70.405
_cell.length_b   183.834
_cell.length_c   164.234
_cell.angle_alpha   90.000
_cell.angle_beta   90.000
_cell.angle_gamma   90.000
#
_symmetry.space_group_name_H-M   'C 2 2 21'
#
loop_
_entity.id
_entity.type
_entity.pdbx_description
1 polymer 'FAD-dependent monooxygenase tropB'
2 non-polymer 2,4-dihydroxy-3,6-dimethylbenzaldehyde
3 non-polymer 'FLAVIN-ADENINE DINUCLEOTIDE'
4 non-polymer 'CHLORIDE ION'
5 non-polymer GLYCEROL
6 water water
#
_entity_poly.entity_id   1
_entity_poly.type   'polypeptide(L)'
_entity_poly.pdbx_seq_one_letter_code
;MPGSLIDTRQQPLSVGIVGGGIIGVILAAGLVRRGIDVKVFEQARGFREIGAGMAFTANAVRCMEMLDPAIVWALRSSGA
VPISIGDHQAEARDYLRWVDGYHESSKRLYQLDAGIRGFEACRRDQFLEALVKVLPEGIVECQKRLQKIHEKNETEKVTL
EFADGTFAHVDCVIGADGIRSRVRQHLFGEDSPYSHPHYSHKFAFRGLITMENAISALGEDKARTLNMHVGPNAHLIHYP
VANETMVNIAAFVSDPEEWPDKLSLVGPATREEAMGYFANWNPGLRAVLGFMPENIDRWAMFDTYDYPAPFFSRGKICLV
GDAAHAAVPHHGAGACIGIEDALCATVLLAEVFVSTRGKSSIVRNRAIAAAFGSFNAVRRVRAQWFVDSSRRVCDLYQQP
EWADPQKRIKAENCFEEIKDRSHKIWHFDYNSMLQEAIEKYRHNMGS
;
_entity_poly.pdbx_strand_id   A,B
#
loop_
_chem_comp.id
_chem_comp.type
_chem_comp.name
_chem_comp.formula
CL non-polymer 'CHLORIDE ION' 'Cl -1'
FAD non-polymer 'FLAVIN-ADENINE DINUCLEOTIDE' 'C27 H33 N9 O15 P2'
GOL non-polymer GLYCEROL 'C3 H8 O3'
KJY non-polymer 2,4-dihydroxy-3,6-dimethylbenzaldehyde 'C9 H10 O3'
#
# COMPACT_ATOMS: atom_id res chain seq x y z
N GLN A 11 -5.67 -24.67 -0.96
CA GLN A 11 -4.34 -25.00 -0.45
C GLN A 11 -3.82 -23.87 0.47
N PRO A 12 -4.54 -23.55 1.56
CA PRO A 12 -4.35 -22.24 2.21
C PRO A 12 -3.46 -22.23 3.44
N LEU A 13 -2.90 -21.06 3.71
CA LEU A 13 -1.79 -20.87 4.65
C LEU A 13 -2.32 -20.22 5.93
N SER A 14 -2.15 -20.91 7.05
CA SER A 14 -2.76 -20.50 8.30
C SER A 14 -1.67 -19.99 9.24
N VAL A 15 -1.92 -18.84 9.82
CA VAL A 15 -0.99 -18.20 10.72
C VAL A 15 -1.68 -18.07 12.06
N GLY A 16 -1.01 -18.51 13.11
CA GLY A 16 -1.50 -18.29 14.44
C GLY A 16 -0.78 -17.13 15.09
N ILE A 17 -1.51 -16.05 15.34
CA ILE A 17 -1.00 -14.88 16.03
C ILE A 17 -1.35 -15.03 17.51
N VAL A 18 -0.35 -15.03 18.38
CA VAL A 18 -0.59 -15.01 19.81
C VAL A 18 -0.51 -13.57 20.26
N GLY A 19 -1.63 -13.02 20.73
CA GLY A 19 -1.66 -11.65 21.23
C GLY A 19 -2.56 -10.82 20.37
N GLY A 20 -3.65 -10.32 20.95
CA GLY A 20 -4.60 -9.47 20.26
C GLY A 20 -4.38 -8.00 20.60
N GLY A 21 -3.13 -7.56 20.61
CA GLY A 21 -2.81 -6.17 20.81
C GLY A 21 -2.87 -5.41 19.49
N ILE A 22 -2.35 -4.19 19.51
CA ILE A 22 -2.35 -3.37 18.31
C ILE A 22 -1.55 -4.03 17.19
N ILE A 23 -0.39 -4.61 17.52
CA ILE A 23 0.44 -5.22 16.50
C ILE A 23 -0.21 -6.50 15.99
N GLY A 24 -0.59 -7.39 16.89
CA GLY A 24 -1.18 -8.65 16.47
C GLY A 24 -2.42 -8.45 15.61
N VAL A 25 -3.23 -7.45 15.93
CA VAL A 25 -4.46 -7.23 15.16
C VAL A 25 -4.16 -6.59 13.80
N ILE A 26 -3.21 -5.65 13.77
CA ILE A 26 -2.85 -4.99 12.51
C ILE A 26 -2.17 -5.97 11.57
N LEU A 27 -1.30 -6.80 12.12
CA LEU A 27 -0.74 -7.88 11.34
C LEU A 27 -1.84 -8.76 10.81
N ALA A 28 -2.87 -9.02 11.63
CA ALA A 28 -3.94 -9.89 11.15
C ALA A 28 -4.65 -9.25 9.98
N ALA A 29 -4.93 -7.95 10.08
CA ALA A 29 -5.67 -7.24 9.07
C ALA A 29 -4.90 -7.27 7.76
N GLY A 30 -3.58 -7.21 7.85
CA GLY A 30 -2.77 -7.28 6.65
C GLY A 30 -2.83 -8.65 6.02
N LEU A 31 -2.75 -9.70 6.82
CA LEU A 31 -2.77 -11.04 6.26
C LEU A 31 -4.12 -11.38 5.64
N VAL A 32 -5.21 -11.05 6.33
CA VAL A 32 -6.51 -11.49 5.82
C VAL A 32 -6.83 -10.77 4.51
N ARG A 33 -6.43 -9.52 4.40
CA ARG A 33 -6.75 -8.83 3.17
C ARG A 33 -6.05 -9.45 1.97
N ARG A 34 -4.96 -10.20 2.20
CA ARG A 34 -4.20 -10.86 1.18
C ARG A 34 -4.56 -12.34 1.05
N GLY A 35 -5.60 -12.78 1.74
CA GLY A 35 -6.09 -14.12 1.50
C GLY A 35 -5.53 -15.19 2.40
N ILE A 36 -4.86 -14.82 3.45
CA ILE A 36 -4.24 -15.76 4.36
C ILE A 36 -5.20 -16.06 5.50
N ASP A 37 -5.27 -17.33 5.92
CA ASP A 37 -6.10 -17.73 7.05
C ASP A 37 -5.39 -17.36 8.35
N VAL A 38 -6.01 -16.47 9.13
CA VAL A 38 -5.43 -15.93 10.35
C VAL A 38 -6.37 -16.28 11.49
N LYS A 39 -5.78 -16.69 12.62
CA LYS A 39 -6.44 -16.76 13.91
C LYS A 39 -5.59 -15.96 14.91
N VAL A 40 -6.24 -15.10 15.67
CA VAL A 40 -5.60 -14.32 16.72
C VAL A 40 -6.05 -14.83 18.08
N PHE A 41 -5.11 -15.18 18.92
CA PHE A 41 -5.41 -15.81 20.19
C PHE A 41 -5.05 -14.82 21.28
N GLU A 42 -6.06 -14.27 21.94
CA GLU A 42 -5.89 -13.24 22.96
C GLU A 42 -6.23 -13.78 24.35
N GLN A 43 -5.33 -13.62 25.31
CA GLN A 43 -5.62 -14.16 26.64
C GLN A 43 -6.76 -13.39 27.33
N ALA A 44 -6.85 -12.07 27.14
CA ALA A 44 -7.85 -11.26 27.82
C ALA A 44 -9.27 -11.60 27.40
N ARG A 45 -10.24 -11.22 28.25
CA ARG A 45 -11.66 -11.41 27.93
C ARG A 45 -12.20 -10.31 27.02
N GLY A 46 -11.69 -9.07 27.17
CA GLY A 46 -12.12 -7.97 26.33
C GLY A 46 -10.99 -6.99 26.08
N PHE A 47 -11.22 -5.72 26.37
CA PHE A 47 -10.22 -4.69 26.16
C PHE A 47 -9.63 -4.21 27.47
N ARG A 48 -8.48 -3.59 27.33
CA ARG A 48 -7.75 -3.00 28.44
C ARG A 48 -7.10 -1.75 27.87
N GLU A 49 -6.44 -0.98 28.73
CA GLU A 49 -5.82 0.27 28.32
C GLU A 49 -6.91 1.29 27.96
N ILE A 50 -7.97 1.29 28.77
CA ILE A 50 -9.14 2.13 28.51
C ILE A 50 -8.75 3.60 28.62
N GLY A 51 -9.12 4.38 27.60
CA GLY A 51 -8.89 5.81 27.59
C GLY A 51 -7.47 6.25 27.30
N ALA A 52 -6.52 5.33 27.29
CA ALA A 52 -5.17 5.66 26.89
C ALA A 52 -5.18 6.18 25.45
N GLY A 53 -4.24 7.08 25.15
CA GLY A 53 -3.97 7.51 23.81
C GLY A 53 -2.66 6.92 23.33
N MET A 54 -2.45 7.03 22.02
CA MET A 54 -1.12 6.83 21.48
C MET A 54 -1.05 7.57 20.16
N ALA A 55 0.17 7.83 19.69
CA ALA A 55 0.39 8.53 18.44
C ALA A 55 1.34 7.78 17.50
N PHE A 56 1.11 7.96 16.19
CA PHE A 56 1.87 7.27 15.16
C PHE A 56 2.54 8.30 14.24
N THR A 57 3.81 8.05 13.92
CA THR A 57 4.48 8.85 12.92
C THR A 57 3.76 8.73 11.58
N ALA A 58 3.89 9.76 10.74
CA ALA A 58 3.35 9.66 9.40
C ALA A 58 3.90 8.43 8.66
N ASN A 59 5.17 8.11 8.88
CA ASN A 59 5.76 6.91 8.31
C ASN A 59 4.96 5.68 8.70
N ALA A 60 4.66 5.55 9.99
CA ALA A 60 3.91 4.39 10.45
C ALA A 60 2.52 4.36 9.87
N VAL A 61 1.91 5.53 9.64
CA VAL A 61 0.60 5.56 9.03
C VAL A 61 0.66 5.12 7.56
N ARG A 62 1.73 5.46 6.83
CA ARG A 62 1.86 4.96 5.47
C ARG A 62 2.09 3.46 5.47
N CYS A 63 2.81 2.96 6.47
CA CYS A 63 2.99 1.52 6.62
C CYS A 63 1.66 0.85 6.85
N MET A 64 0.83 1.43 7.73
CA MET A 64 -0.51 0.89 7.94
C MET A 64 -1.31 0.84 6.65
N GLU A 65 -1.25 1.92 5.86
CA GLU A 65 -2.03 2.00 4.63
C GLU A 65 -1.65 0.87 3.71
N MET A 66 -0.37 0.53 3.66
CA MET A 66 0.11 -0.58 2.86
C MET A 66 -0.41 -1.90 3.40
N LEU A 67 -0.62 -2.01 4.72
CA LEU A 67 -1.15 -3.28 5.24
C LEU A 67 -2.62 -3.47 4.85
N ASP A 68 -3.40 -2.40 4.92
CA ASP A 68 -4.80 -2.38 4.56
C ASP A 68 -5.26 -0.95 4.77
N PRO A 69 -5.68 -0.23 3.73
CA PRO A 69 -6.08 1.18 3.94
C PRO A 69 -7.15 1.32 4.97
N ALA A 70 -7.90 0.24 5.21
CA ALA A 70 -9.01 0.29 6.15
C ALA A 70 -8.52 0.46 7.59
N ILE A 71 -7.29 0.06 7.85
CA ILE A 71 -6.64 0.35 9.12
C ILE A 71 -6.56 1.84 9.35
N VAL A 72 -6.23 2.59 8.31
CA VAL A 72 -6.04 4.02 8.48
C VAL A 72 -7.38 4.70 8.68
N TRP A 73 -8.40 4.22 7.97
CA TRP A 73 -9.74 4.74 8.22
C TRP A 73 -10.11 4.55 9.68
N ALA A 74 -9.73 3.39 10.24
CA ALA A 74 -10.10 3.06 11.60
C ALA A 74 -9.46 4.04 12.59
N LEU A 75 -8.15 4.21 12.45
CA LEU A 75 -7.38 5.19 13.18
C LEU A 75 -8.04 6.57 13.14
N ARG A 76 -8.55 6.98 12.00
CA ARG A 76 -9.03 8.34 11.92
C ARG A 76 -10.43 8.52 12.44
N SER A 77 -11.21 7.46 12.58
CA SER A 77 -12.50 7.57 13.27
C SER A 77 -12.38 7.17 14.73
N SER A 78 -11.18 7.26 15.30
CA SER A 78 -10.90 6.95 16.70
C SER A 78 -10.13 8.09 17.38
N GLY A 79 -10.24 9.31 16.83
CA GLY A 79 -9.70 10.53 17.41
C GLY A 79 -9.90 11.74 16.49
N HIS A 88 -11.87 28.16 9.52
CA HIS A 88 -10.95 27.60 8.52
C HIS A 88 -9.49 27.65 9.02
N GLN A 89 -8.72 28.62 8.52
CA GLN A 89 -7.29 28.73 8.80
C GLN A 89 -6.54 27.61 8.09
N ALA A 90 -5.25 27.44 8.41
CA ALA A 90 -4.36 26.61 7.62
C ALA A 90 -4.27 25.19 8.20
N GLU A 91 -3.36 24.37 7.67
CA GLU A 91 -3.12 23.02 8.16
C GLU A 91 -2.02 23.05 9.22
N ALA A 92 -2.29 22.43 10.36
CA ALA A 92 -1.38 22.54 11.49
C ALA A 92 -0.16 21.66 11.32
N ARG A 93 0.95 22.11 11.90
CA ARG A 93 2.19 21.35 11.94
C ARG A 93 2.44 20.84 13.34
N ASP A 94 3.16 19.73 13.41
CA ASP A 94 3.34 18.98 14.64
C ASP A 94 4.78 19.17 15.09
N TYR A 95 4.96 19.68 16.32
CA TYR A 95 6.28 19.97 16.87
C TYR A 95 6.49 19.28 18.20
N LEU A 96 7.59 18.55 18.31
CA LEU A 96 8.17 18.21 19.59
C LEU A 96 8.88 19.44 20.17
N ARG A 97 8.65 19.70 21.44
CA ARG A 97 9.29 20.83 22.12
C ARG A 97 9.98 20.38 23.39
N TRP A 98 11.16 20.91 23.63
CA TRP A 98 11.82 20.75 24.91
C TRP A 98 11.90 22.08 25.64
N VAL A 99 11.96 21.99 26.96
CA VAL A 99 11.93 23.14 27.86
C VAL A 99 12.83 22.79 29.04
N ASP A 100 13.46 23.80 29.62
CA ASP A 100 14.27 23.62 30.81
C ASP A 100 13.33 23.51 32.01
N GLY A 101 13.45 22.43 32.77
CA GLY A 101 12.52 22.23 33.85
C GLY A 101 13.17 22.46 35.20
N TYR A 102 14.48 22.69 35.21
CA TYR A 102 15.21 22.78 36.47
C TYR A 102 15.23 24.20 37.03
N HIS A 103 15.75 25.15 36.24
CA HIS A 103 16.04 26.50 36.67
C HIS A 103 14.83 27.41 36.56
N GLU A 104 14.94 28.56 37.22
CA GLU A 104 13.84 29.51 37.22
C GLU A 104 13.51 30.01 35.81
N SER A 105 14.45 29.91 34.87
CA SER A 105 14.30 30.55 33.57
C SER A 105 13.29 29.84 32.66
N SER A 106 13.10 28.53 32.84
CA SER A 106 12.24 27.71 31.98
C SER A 106 12.20 28.24 30.55
N LYS A 107 13.38 28.34 29.94
CA LYS A 107 13.53 28.85 28.58
C LYS A 107 13.42 27.71 27.57
N ARG A 108 12.58 27.89 26.55
CA ARG A 108 12.50 26.92 25.46
C ARG A 108 13.90 26.56 24.96
N LEU A 109 14.17 25.26 24.82
CA LEU A 109 15.52 24.76 24.60
C LEU A 109 15.78 24.31 23.17
N TYR A 110 14.80 23.66 22.56
CA TYR A 110 14.94 23.14 21.21
C TYR A 110 13.54 22.89 20.68
N GLN A 111 13.44 22.71 19.38
CA GLN A 111 12.15 22.31 18.84
C GLN A 111 12.41 21.54 17.55
N LEU A 112 11.44 20.69 17.18
CA LEU A 112 11.60 19.81 16.03
C LEU A 112 10.31 19.75 15.23
N ASP A 113 10.40 20.02 13.95
CA ASP A 113 9.25 20.06 13.05
C ASP A 113 9.08 18.66 12.48
N ALA A 114 7.93 18.05 12.77
CA ALA A 114 7.47 16.83 12.13
C ALA A 114 6.49 17.09 10.97
N GLY A 115 5.94 18.28 10.84
CA GLY A 115 5.24 18.61 9.62
C GLY A 115 3.75 18.44 9.75
N ILE A 116 3.06 18.62 8.62
CA ILE A 116 1.66 18.30 8.59
C ILE A 116 1.51 16.81 8.86
N ARG A 117 0.55 16.47 9.72
CA ARG A 117 0.24 15.09 10.08
C ARG A 117 1.53 14.30 10.30
N GLY A 118 2.56 14.98 10.83
CA GLY A 118 3.76 14.27 11.22
C GLY A 118 3.47 13.23 12.27
N PHE A 119 2.45 13.48 13.09
CA PHE A 119 1.93 12.50 14.02
C PHE A 119 0.41 12.49 13.91
N GLU A 120 -0.16 11.33 14.17
CA GLU A 120 -1.59 11.17 14.25
C GLU A 120 -1.90 10.37 15.50
N ALA A 121 -2.92 10.80 16.24
CA ALA A 121 -3.19 10.23 17.54
C ALA A 121 -4.59 9.64 17.59
N CYS A 122 -4.79 8.81 18.59
CA CYS A 122 -6.05 8.12 18.74
C CYS A 122 -6.17 7.66 20.18
N ARG A 123 -7.37 7.20 20.52
CA ARG A 123 -7.59 6.39 21.71
C ARG A 123 -7.35 4.91 21.39
N ARG A 124 -6.42 4.30 22.11
CA ARG A 124 -6.02 2.92 21.82
C ARG A 124 -7.22 2.00 21.77
N ASP A 125 -8.04 2.01 22.83
CA ASP A 125 -9.04 0.96 22.91
C ASP A 125 -10.09 1.13 21.82
N GLN A 126 -10.43 2.38 21.48
CA GLN A 126 -11.33 2.67 20.38
C GLN A 126 -10.71 2.30 19.03
N PHE A 127 -9.41 2.54 18.85
CA PHE A 127 -8.73 2.11 17.66
C PHE A 127 -8.74 0.58 17.53
N LEU A 128 -8.34 -0.13 18.59
CA LEU A 128 -8.36 -1.59 18.55
C LEU A 128 -9.76 -2.12 18.24
N GLU A 129 -10.77 -1.53 18.85
CA GLU A 129 -12.13 -1.98 18.63
C GLU A 129 -12.57 -1.70 17.18
N ALA A 130 -12.28 -0.51 16.66
CA ALA A 130 -12.55 -0.25 15.26
C ALA A 130 -11.83 -1.27 14.37
N LEU A 131 -10.59 -1.62 14.73
CA LEU A 131 -9.82 -2.58 13.95
C LEU A 131 -10.49 -3.94 13.92
N VAL A 132 -11.07 -4.34 15.04
CA VAL A 132 -11.72 -5.65 15.10
C VAL A 132 -12.97 -5.66 14.23
N LYS A 133 -13.69 -4.54 14.11
CA LYS A 133 -14.81 -4.50 13.18
C LYS A 133 -14.35 -4.67 11.74
N VAL A 134 -13.14 -4.19 11.42
CA VAL A 134 -12.65 -4.28 10.05
C VAL A 134 -12.40 -5.72 9.66
N LEU A 135 -11.87 -6.52 10.60
CA LEU A 135 -11.60 -7.92 10.36
C LEU A 135 -12.90 -8.70 10.16
N PRO A 136 -12.84 -9.84 9.45
CA PRO A 136 -13.99 -10.73 9.43
C PRO A 136 -14.29 -11.26 10.83
N GLU A 137 -15.44 -11.90 10.97
CA GLU A 137 -15.82 -12.47 12.26
C GLU A 137 -15.03 -13.75 12.54
N GLY A 138 -14.81 -13.99 13.83
CA GLY A 138 -14.08 -15.15 14.28
C GLY A 138 -12.58 -15.13 14.09
N ILE A 139 -12.00 -14.03 13.59
CA ILE A 139 -10.56 -13.98 13.51
C ILE A 139 -9.96 -14.00 14.92
N VAL A 140 -10.52 -13.20 15.82
CA VAL A 140 -10.02 -13.10 17.18
C VAL A 140 -10.77 -14.06 18.08
N GLU A 141 -10.02 -14.86 18.84
CA GLU A 141 -10.58 -15.71 19.89
C GLU A 141 -10.07 -15.20 21.23
N CYS A 142 -10.98 -14.77 22.09
CA CYS A 142 -10.62 -14.28 23.41
C CYS A 142 -10.55 -15.45 24.41
N GLN A 143 -10.08 -15.13 25.61
CA GLN A 143 -9.78 -16.13 26.63
C GLN A 143 -9.04 -17.33 26.05
N LYS A 144 -7.94 -17.03 25.36
CA LYS A 144 -7.06 -18.07 24.80
C LYS A 144 -5.65 -17.66 25.19
N ARG A 145 -5.20 -18.15 26.34
CA ARG A 145 -3.90 -17.80 26.87
C ARG A 145 -2.95 -18.93 26.51
N LEU A 146 -2.04 -18.65 25.58
CA LEU A 146 -0.98 -19.57 25.23
C LEU A 146 -0.25 -20.06 26.47
N GLN A 147 -0.25 -21.39 26.67
CA GLN A 147 0.58 -22.02 27.68
C GLN A 147 1.86 -22.62 27.11
N LYS A 148 1.75 -23.35 26.01
CA LYS A 148 2.90 -24.09 25.55
C LYS A 148 2.79 -24.30 24.04
N ILE A 149 3.93 -24.27 23.37
CA ILE A 149 4.01 -24.48 21.94
C ILE A 149 4.66 -25.83 21.71
N HIS A 150 4.11 -26.61 20.79
CA HIS A 150 4.64 -27.93 20.42
C HIS A 150 5.00 -27.89 18.94
N GLU A 151 6.32 -27.87 18.63
CA GLU A 151 6.82 -27.93 17.26
C GLU A 151 7.31 -29.34 16.93
N LYS A 152 6.73 -29.93 15.91
CA LYS A 152 7.13 -31.25 15.44
C LYS A 152 8.12 -31.05 14.32
N ASN A 153 7.86 -31.57 13.13
CA ASN A 153 8.79 -31.38 12.01
C ASN A 153 8.38 -30.21 11.14
N GLU A 154 9.37 -29.59 10.50
CA GLU A 154 9.11 -28.42 9.66
C GLU A 154 7.91 -28.59 8.74
N THR A 155 7.63 -29.83 8.29
CA THR A 155 6.51 -30.08 7.38
C THR A 155 5.19 -30.33 8.11
N GLU A 156 5.25 -30.57 9.40
CA GLU A 156 4.06 -30.70 10.19
C GLU A 156 3.68 -29.35 10.78
N LYS A 157 2.45 -29.27 11.27
CA LYS A 157 1.95 -28.03 11.86
C LYS A 157 2.42 -27.85 13.29
N VAL A 158 2.55 -26.59 13.67
CA VAL A 158 2.84 -26.21 15.04
C VAL A 158 1.55 -26.29 15.85
N THR A 159 1.63 -26.90 17.01
CA THR A 159 0.45 -26.99 17.86
C THR A 159 0.55 -26.03 19.03
N LEU A 160 -0.51 -25.28 19.26
CA LEU A 160 -0.58 -24.31 20.32
C LEU A 160 -1.48 -24.86 21.42
N GLU A 161 -0.98 -24.89 22.65
CA GLU A 161 -1.77 -25.33 23.80
C GLU A 161 -2.14 -24.15 24.69
N PHE A 162 -3.43 -24.01 24.98
CA PHE A 162 -3.95 -22.90 25.76
C PHE A 162 -4.33 -23.36 27.17
N ALA A 163 -4.41 -22.40 28.08
CA ALA A 163 -4.60 -22.70 29.50
C ALA A 163 -5.96 -23.35 29.76
N ASP A 164 -6.95 -23.11 28.91
CA ASP A 164 -8.24 -23.77 29.05
C ASP A 164 -8.23 -25.20 28.52
N GLY A 165 -7.06 -25.75 28.20
CA GLY A 165 -6.96 -27.12 27.74
C GLY A 165 -7.29 -27.37 26.28
N THR A 166 -7.74 -26.37 25.52
CA THR A 166 -7.94 -26.58 24.10
C THR A 166 -6.62 -26.41 23.36
N PHE A 167 -6.64 -26.79 22.10
CA PHE A 167 -5.45 -26.79 21.27
C PHE A 167 -5.76 -26.13 19.92
N ALA A 168 -4.70 -25.91 19.14
CA ALA A 168 -4.82 -25.27 17.85
C ALA A 168 -3.61 -25.66 17.01
N HIS A 169 -3.83 -25.83 15.71
CA HIS A 169 -2.82 -26.33 14.77
C HIS A 169 -2.69 -25.37 13.60
N VAL A 170 -1.47 -24.90 13.33
CA VAL A 170 -1.23 -23.81 12.39
C VAL A 170 0.08 -24.02 11.67
N ASP A 171 0.14 -23.57 10.40
CA ASP A 171 1.39 -23.72 9.65
C ASP A 171 2.51 -22.89 10.27
N CYS A 172 2.19 -21.78 10.91
CA CYS A 172 3.26 -21.03 11.54
C CYS A 172 2.68 -20.16 12.63
N VAL A 173 3.57 -19.62 13.44
CA VAL A 173 3.19 -18.94 14.68
C VAL A 173 3.90 -17.59 14.72
N ILE A 174 3.13 -16.54 15.03
CA ILE A 174 3.72 -15.25 15.29
C ILE A 174 3.40 -14.85 16.71
N GLY A 175 4.46 -14.63 17.50
CA GLY A 175 4.36 -14.04 18.81
C GLY A 175 4.21 -12.54 18.74
N ALA A 176 3.00 -12.07 19.01
CA ALA A 176 2.72 -10.65 19.19
C ALA A 176 2.13 -10.42 20.58
N ASP A 177 2.64 -11.16 21.56
CA ASP A 177 2.03 -11.24 22.89
C ASP A 177 2.77 -10.36 23.89
N GLY A 178 3.48 -9.37 23.43
CA GLY A 178 3.81 -8.24 24.26
C GLY A 178 5.09 -8.41 25.03
N ILE A 179 5.31 -7.44 25.92
CA ILE A 179 6.58 -7.32 26.61
C ILE A 179 6.89 -8.57 27.42
N ARG A 180 5.89 -9.24 27.96
CA ARG A 180 6.07 -10.51 28.67
C ARG A 180 5.70 -11.70 27.80
N SER A 181 6.20 -11.67 26.57
CA SER A 181 5.79 -12.64 25.55
C SER A 181 6.05 -14.07 26.00
N ARG A 182 5.02 -14.88 25.87
CA ARG A 182 5.13 -16.31 26.14
C ARG A 182 5.74 -17.07 24.98
N VAL A 183 5.59 -16.56 23.74
CA VAL A 183 6.29 -17.16 22.61
C VAL A 183 7.78 -16.90 22.71
N ARG A 184 8.17 -15.75 23.24
CA ARG A 184 9.58 -15.50 23.48
C ARG A 184 10.15 -16.55 24.45
N GLN A 185 9.44 -16.82 25.57
CA GLN A 185 9.97 -17.77 26.55
C GLN A 185 10.17 -19.12 25.90
N HIS A 186 9.27 -19.47 24.97
CA HIS A 186 9.42 -20.73 24.26
C HIS A 186 10.70 -20.76 23.46
N LEU A 187 10.97 -19.70 22.69
CA LEU A 187 12.16 -19.67 21.87
C LEU A 187 13.42 -19.86 22.71
N PHE A 188 13.58 -19.06 23.79
CA PHE A 188 14.85 -18.98 24.51
C PHE A 188 14.90 -19.79 25.80
N GLY A 189 13.76 -20.26 26.30
CA GLY A 189 13.73 -20.98 27.55
C GLY A 189 13.13 -20.19 28.69
N GLU A 190 12.17 -20.76 29.42
CA GLU A 190 11.53 -19.96 30.45
C GLU A 190 12.47 -19.60 31.58
N ASP A 191 13.71 -20.09 31.60
CA ASP A 191 14.70 -19.71 32.60
C ASP A 191 15.80 -18.84 32.06
N SER A 192 15.80 -18.55 30.78
CA SER A 192 16.78 -17.63 30.27
C SER A 192 16.37 -16.22 30.70
N PRO A 193 17.34 -15.36 31.02
CA PRO A 193 17.03 -13.92 31.16
C PRO A 193 16.70 -13.27 29.83
N TYR A 194 17.25 -13.77 28.73
CA TYR A 194 16.84 -13.33 27.41
C TYR A 194 15.34 -13.50 27.17
N SER A 195 14.69 -14.36 27.91
CA SER A 195 13.26 -14.57 27.75
C SER A 195 12.39 -13.55 28.50
N HIS A 196 12.97 -12.65 29.27
CA HIS A 196 12.18 -11.73 30.10
C HIS A 196 12.74 -10.33 29.95
N PRO A 197 11.88 -9.33 30.08
CA PRO A 197 12.37 -7.94 30.12
C PRO A 197 12.92 -7.66 31.51
N HIS A 198 13.60 -6.52 31.65
CA HIS A 198 14.18 -6.14 32.92
C HIS A 198 14.06 -4.63 33.13
N TYR A 199 14.35 -4.23 34.37
CA TYR A 199 14.19 -2.86 34.83
C TYR A 199 15.21 -1.94 34.20
N SER A 200 14.75 -0.77 33.77
CA SER A 200 15.62 0.30 33.29
C SER A 200 15.98 1.29 34.38
N HIS A 201 15.61 0.97 35.62
CA HIS A 201 15.91 1.80 36.77
C HIS A 201 15.32 3.19 36.61
N LYS A 202 14.19 3.27 35.91
CA LYS A 202 13.36 4.46 35.93
C LYS A 202 11.92 4.01 36.07
N PHE A 203 11.10 4.86 36.67
CA PHE A 203 9.66 4.63 36.76
C PHE A 203 8.95 5.96 36.57
N ALA A 204 7.62 5.92 36.49
CA ALA A 204 6.85 7.05 35.98
C ALA A 204 5.60 7.26 36.81
N PHE A 205 5.23 8.53 36.94
CA PHE A 205 4.02 8.96 37.61
C PHE A 205 3.13 9.54 36.54
N ARG A 206 1.85 9.14 36.51
CA ARG A 206 0.92 9.58 35.46
C ARG A 206 -0.33 10.15 36.12
N GLY A 207 -0.86 11.22 35.54
CA GLY A 207 -2.07 11.79 36.05
C GLY A 207 -2.44 12.98 35.20
N LEU A 208 -3.70 13.38 35.35
CA LEU A 208 -4.28 14.47 34.60
C LEU A 208 -4.43 15.70 35.48
N ILE A 209 -4.53 16.85 34.82
CA ILE A 209 -4.98 18.07 35.46
C ILE A 209 -5.93 18.76 34.50
N THR A 210 -6.58 19.82 34.98
CA THR A 210 -7.50 20.60 34.15
C THR A 210 -6.70 21.59 33.31
N MET A 211 -7.10 21.76 32.04
CA MET A 211 -6.43 22.75 31.20
C MET A 211 -6.42 24.13 31.86
N GLU A 212 -7.46 24.45 32.63
CA GLU A 212 -7.46 25.63 33.49
C GLU A 212 -6.17 25.72 34.31
N ASN A 213 -5.90 24.70 35.14
CA ASN A 213 -4.72 24.72 36.00
C ASN A 213 -3.44 24.62 35.19
N ALA A 214 -3.46 23.85 34.12
CA ALA A 214 -2.29 23.71 33.27
C ALA A 214 -1.81 25.07 32.76
N ILE A 215 -2.75 25.94 32.37
CA ILE A 215 -2.35 27.24 31.87
C ILE A 215 -1.72 28.06 32.99
N SER A 216 -2.40 28.13 34.13
CA SER A 216 -1.93 28.99 35.21
C SER A 216 -0.51 28.64 35.64
N ALA A 217 -0.09 27.40 35.50
CA ALA A 217 1.27 27.03 35.88
C ALA A 217 2.29 27.18 34.76
N LEU A 218 1.87 27.12 33.50
CA LEU A 218 2.80 27.07 32.39
C LEU A 218 2.62 28.18 31.37
N GLY A 219 1.49 28.86 31.36
CA GLY A 219 1.12 29.71 30.25
C GLY A 219 0.28 28.96 29.25
N GLU A 220 -0.62 29.69 28.58
CA GLU A 220 -1.42 29.07 27.54
C GLU A 220 -0.51 28.42 26.50
N ASP A 221 0.57 29.10 26.16
CA ASP A 221 1.48 28.59 25.16
C ASP A 221 1.86 27.15 25.51
N LYS A 222 2.61 26.94 26.61
CA LYS A 222 3.12 25.60 26.94
C LYS A 222 1.97 24.61 27.15
N ALA A 223 0.86 25.05 27.73
CA ALA A 223 -0.13 24.10 28.23
C ALA A 223 -0.88 23.39 27.12
N ARG A 224 -0.99 24.03 25.97
CA ARG A 224 -1.81 23.53 24.87
C ARG A 224 -0.99 22.76 23.84
N THR A 225 0.24 22.41 24.15
CA THR A 225 1.01 21.56 23.28
C THR A 225 1.83 20.57 24.09
N LEU A 226 2.65 19.81 23.37
CA LEU A 226 3.50 18.79 23.94
C LEU A 226 4.86 19.40 24.24
N ASN A 227 5.25 19.34 25.51
CA ASN A 227 6.60 19.72 25.92
C ASN A 227 7.19 18.69 26.85
N MET A 228 8.48 18.53 26.73
CA MET A 228 9.28 17.70 27.61
CA MET A 228 9.29 17.69 27.61
C MET A 228 10.20 18.61 28.41
N HIS A 229 10.09 18.56 29.73
CA HIS A 229 10.91 19.41 30.60
C HIS A 229 12.08 18.60 31.10
N VAL A 230 13.29 19.04 30.76
CA VAL A 230 14.49 18.30 31.07
C VAL A 230 15.11 18.80 32.35
N GLY A 231 15.99 17.98 32.90
CA GLY A 231 16.68 18.27 34.12
C GLY A 231 17.46 17.07 34.61
N PRO A 232 18.02 17.21 35.81
CA PRO A 232 18.89 16.17 36.40
C PRO A 232 18.13 14.94 36.89
N ASN A 233 18.45 13.79 36.30
CA ASN A 233 17.98 12.49 36.77
C ASN A 233 16.48 12.28 36.64
N ALA A 234 15.77 13.16 35.94
CA ALA A 234 14.33 13.07 35.86
C ALA A 234 13.90 14.00 34.74
N HIS A 235 12.67 13.79 34.26
CA HIS A 235 12.13 14.66 33.23
C HIS A 235 10.63 14.46 33.24
N LEU A 236 9.94 15.47 32.72
CA LEU A 236 8.49 15.51 32.70
C LEU A 236 8.02 15.84 31.28
N ILE A 237 6.89 15.28 30.91
CA ILE A 237 6.28 15.51 29.61
C ILE A 237 4.80 15.70 29.83
N HIS A 238 4.20 16.61 29.08
CA HIS A 238 2.78 16.87 29.19
C HIS A 238 2.23 17.31 27.83
N TYR A 239 0.97 16.98 27.58
CA TYR A 239 0.28 17.35 26.35
C TYR A 239 -1.20 17.31 26.63
N PRO A 240 -2.02 17.86 25.74
CA PRO A 240 -3.45 17.97 26.02
C PRO A 240 -4.26 16.78 25.53
N VAL A 241 -5.46 16.67 26.10
CA VAL A 241 -6.35 15.53 25.93
C VAL A 241 -7.78 16.00 26.16
N ALA A 242 -8.74 15.06 26.06
CA ALA A 242 -10.17 15.35 26.04
C ALA A 242 -10.45 16.70 25.38
N ASN A 243 -9.91 16.88 24.17
CA ASN A 243 -10.17 18.07 23.37
C ASN A 243 -9.70 19.31 24.11
N GLU A 244 -8.48 19.24 24.59
CA GLU A 244 -7.82 20.38 25.20
C GLU A 244 -8.53 20.87 26.48
N THR A 245 -9.36 20.02 27.11
CA THR A 245 -9.92 20.34 28.43
C THR A 245 -9.06 19.87 29.58
N MET A 246 -8.15 18.93 29.34
CA MET A 246 -7.28 18.38 30.36
CA MET A 246 -7.27 18.43 30.37
C MET A 246 -5.90 18.18 29.77
N VAL A 247 -4.90 18.18 30.63
CA VAL A 247 -3.54 17.92 30.20
C VAL A 247 -3.11 16.66 30.94
N ASN A 248 -2.29 15.87 30.27
CA ASN A 248 -1.87 14.58 30.81
C ASN A 248 -0.41 14.73 31.20
N ILE A 249 -0.06 14.26 32.38
CA ILE A 249 1.29 14.41 32.89
C ILE A 249 1.91 13.03 32.99
N ALA A 250 3.16 12.94 32.58
CA ALA A 250 4.00 11.79 32.91
C ALA A 250 5.32 12.32 33.43
N ALA A 251 5.70 11.92 34.62
CA ALA A 251 6.95 12.37 35.23
C ALA A 251 7.82 11.16 35.48
N PHE A 252 9.03 11.19 34.94
CA PHE A 252 9.92 10.04 35.03
C PHE A 252 11.11 10.35 35.93
N VAL A 253 11.42 9.43 36.84
CA VAL A 253 12.38 9.66 37.91
C VAL A 253 13.28 8.44 38.00
N SER A 254 14.46 8.64 38.60
CA SER A 254 15.43 7.56 38.66
C SER A 254 15.23 6.74 39.93
N ASP A 255 15.52 5.46 39.83
CA ASP A 255 15.34 4.51 40.92
C ASP A 255 16.63 3.71 41.01
N PRO A 256 17.41 3.87 42.07
CA PRO A 256 18.63 3.06 42.20
C PRO A 256 18.33 1.61 42.52
N GLU A 257 17.24 1.33 43.23
CA GLU A 257 16.96 -0.01 43.70
C GLU A 257 16.41 -0.88 42.55
N GLU A 258 16.23 -2.16 42.85
CA GLU A 258 15.58 -3.08 41.95
C GLU A 258 14.08 -3.05 42.17
N TRP A 259 13.37 -3.44 41.14
CA TRP A 259 11.94 -3.61 41.26
C TRP A 259 11.69 -4.95 41.92
N PRO A 260 11.05 -4.98 43.10
CA PRO A 260 10.87 -6.24 43.86
C PRO A 260 10.37 -7.44 43.02
N LEU A 263 7.33 -7.29 43.32
CA LEU A 263 6.20 -6.34 43.40
C LEU A 263 5.62 -6.13 42.00
N SER A 264 4.42 -5.52 41.97
CA SER A 264 3.66 -5.32 40.75
C SER A 264 4.06 -4.04 40.04
N LEU A 265 4.19 -4.15 38.71
CA LEU A 265 4.68 -3.09 37.85
C LEU A 265 3.77 -1.87 37.74
N VAL A 266 2.55 -1.96 38.24
CA VAL A 266 1.74 -0.77 38.42
C VAL A 266 1.32 -0.76 39.88
N GLY A 267 1.04 0.43 40.37
CA GLY A 267 0.79 0.63 41.77
C GLY A 267 0.19 1.99 41.96
N PRO A 268 -0.51 2.21 43.07
CA PRO A 268 -1.02 3.54 43.36
C PRO A 268 0.10 4.36 43.96
N ALA A 269 0.02 5.67 43.75
CA ALA A 269 0.99 6.60 44.29
C ALA A 269 0.24 7.86 44.68
N THR A 270 0.96 8.78 45.30
CA THR A 270 0.35 10.03 45.71
C THR A 270 1.03 11.17 44.96
N ARG A 271 0.26 12.20 44.72
CA ARG A 271 0.76 13.49 44.24
C ARG A 271 2.01 13.91 45.02
N GLU A 272 2.01 13.76 46.34
CA GLU A 272 3.14 14.25 47.10
C GLU A 272 4.39 13.43 46.83
N GLU A 273 4.24 12.12 46.69
CA GLU A 273 5.40 11.32 46.33
C GLU A 273 6.07 11.85 45.06
N ALA A 274 5.27 12.28 44.08
CA ALA A 274 5.89 12.76 42.85
C ALA A 274 6.54 14.12 43.07
N MET A 275 5.85 15.02 43.77
CA MET A 275 6.41 16.34 44.05
C MET A 275 7.77 16.24 44.73
N GLY A 276 7.96 15.20 45.54
CA GLY A 276 9.24 15.02 46.23
C GLY A 276 10.41 14.86 45.27
N TYR A 277 10.21 14.14 44.17
CA TYR A 277 11.30 13.97 43.24
C TYR A 277 11.61 15.24 42.46
N PHE A 278 10.73 16.25 42.51
CA PHE A 278 10.87 17.48 41.75
C PHE A 278 10.94 18.72 42.66
N ALA A 279 11.53 18.54 43.84
CA ALA A 279 11.62 19.59 44.87
C ALA A 279 12.36 20.83 44.37
N ASN A 280 13.61 20.65 43.89
CA ASN A 280 14.44 21.73 43.38
C ASN A 280 14.07 22.25 41.98
N TRP A 281 13.12 21.66 41.30
CA TRP A 281 12.79 22.08 39.94
C TRP A 281 12.01 23.40 39.97
N ASN A 282 11.84 24.02 38.80
CA ASN A 282 11.31 25.37 38.79
C ASN A 282 9.83 25.37 39.15
N PRO A 283 9.26 26.52 39.41
CA PRO A 283 7.94 26.52 40.06
C PRO A 283 6.81 26.20 39.12
N GLY A 284 6.92 26.58 37.84
CA GLY A 284 5.86 26.22 36.89
C GLY A 284 5.62 24.73 36.87
N LEU A 285 6.70 23.97 36.73
CA LEU A 285 6.63 22.51 36.74
C LEU A 285 6.12 21.97 38.07
N ARG A 286 6.66 22.45 39.20
CA ARG A 286 6.19 21.99 40.50
C ARG A 286 4.71 22.22 40.63
N ALA A 287 4.25 23.40 40.19
CA ALA A 287 2.82 23.71 40.27
C ALA A 287 2.01 22.67 39.53
N VAL A 288 2.51 22.22 38.37
CA VAL A 288 1.78 21.24 37.55
C VAL A 288 1.54 19.97 38.34
N LEU A 289 2.62 19.41 38.87
CA LEU A 289 2.48 18.29 39.78
C LEU A 289 1.49 18.62 40.88
N GLY A 290 1.62 19.80 41.49
CA GLY A 290 0.70 20.17 42.55
C GLY A 290 -0.75 19.98 42.20
N PHE A 291 -1.10 20.13 40.93
CA PHE A 291 -2.49 20.19 40.48
C PHE A 291 -3.10 18.83 40.15
N MET A 292 -2.40 17.75 40.40
CA MET A 292 -2.93 16.43 40.10
C MET A 292 -3.87 15.94 41.20
N PRO A 293 -4.74 14.97 40.90
CA PRO A 293 -5.53 14.36 41.97
C PRO A 293 -4.62 13.80 43.05
N GLU A 294 -5.14 13.75 44.28
CA GLU A 294 -4.34 13.22 45.39
C GLU A 294 -3.76 11.87 45.02
N ASN A 295 -4.54 11.04 44.33
CA ASN A 295 -4.11 9.69 43.97
C ASN A 295 -3.85 9.61 42.47
N ILE A 296 -2.77 8.92 42.11
CA ILE A 296 -2.27 8.83 40.75
C ILE A 296 -1.59 7.46 40.63
N ASP A 297 -0.82 7.24 39.58
CA ASP A 297 -0.29 5.92 39.27
C ASP A 297 1.23 5.99 39.16
N ARG A 298 1.87 4.87 39.45
CA ARG A 298 3.30 4.70 39.31
C ARG A 298 3.54 3.48 38.43
N TRP A 299 4.33 3.65 37.38
CA TRP A 299 4.55 2.59 36.39
C TRP A 299 6.04 2.31 36.29
N ALA A 300 6.44 1.08 36.62
CA ALA A 300 7.79 0.67 36.29
C ALA A 300 7.99 0.62 34.77
N MET A 301 9.23 0.79 34.34
CA MET A 301 9.56 0.80 32.92
CA MET A 301 9.59 0.82 32.92
C MET A 301 10.56 -0.31 32.60
N PHE A 302 10.06 -1.36 31.98
CA PHE A 302 10.87 -2.49 31.61
C PHE A 302 11.12 -2.50 30.11
N ASP A 303 12.07 -3.32 29.68
CA ASP A 303 12.41 -3.38 28.25
C ASP A 303 13.38 -4.54 28.05
N THR A 304 13.85 -4.67 26.80
CA THR A 304 14.64 -5.80 26.32
C THR A 304 16.08 -5.38 26.08
N TYR A 305 16.48 -4.24 26.67
CA TYR A 305 17.82 -3.68 26.48
C TYR A 305 18.92 -4.57 27.06
N ASP A 306 18.75 -5.03 28.30
CA ASP A 306 19.85 -5.71 28.99
C ASP A 306 20.16 -7.04 28.33
N TYR A 307 19.11 -7.82 28.02
CA TYR A 307 19.23 -9.10 27.35
C TYR A 307 18.42 -9.11 26.06
N PRO A 308 18.94 -8.51 24.99
CA PRO A 308 18.19 -8.43 23.73
C PRO A 308 18.20 -9.74 22.98
N ALA A 309 17.13 -9.94 22.21
CA ALA A 309 16.89 -11.18 21.51
C ALA A 309 18.10 -11.57 20.66
N PRO A 310 18.59 -12.78 20.78
CA PRO A 310 19.59 -13.24 19.79
C PRO A 310 19.04 -13.38 18.39
N PHE A 311 17.73 -13.60 18.26
CA PHE A 311 17.06 -13.71 16.98
C PHE A 311 15.57 -13.54 17.19
N PHE A 312 14.91 -12.95 16.20
CA PHE A 312 13.47 -12.73 16.27
C PHE A 312 12.66 -13.93 15.80
N SER A 313 13.30 -14.96 15.27
CA SER A 313 12.54 -16.09 14.74
C SER A 313 13.41 -17.33 14.68
N ARG A 314 12.74 -18.48 14.68
CA ARG A 314 13.40 -19.76 14.53
C ARG A 314 12.41 -20.74 13.94
N GLY A 315 12.82 -21.42 12.87
CA GLY A 315 11.88 -22.30 12.19
C GLY A 315 10.65 -21.52 11.74
N LYS A 316 9.48 -21.97 12.22
CA LYS A 316 8.19 -21.45 11.83
C LYS A 316 7.55 -20.61 12.93
N ILE A 317 8.39 -19.99 13.75
CA ILE A 317 7.97 -19.16 14.87
C ILE A 317 8.70 -17.84 14.74
N CYS A 318 7.97 -16.75 14.85
CA CYS A 318 8.51 -15.42 14.66
C CYS A 318 7.89 -14.49 15.69
N LEU A 319 8.69 -13.53 16.14
CA LEU A 319 8.27 -12.54 17.13
C LEU A 319 8.11 -11.20 16.43
N VAL A 320 7.09 -10.45 16.82
CA VAL A 320 6.91 -9.10 16.34
C VAL A 320 6.50 -8.19 17.49
N GLY A 321 6.71 -6.89 17.28
CA GLY A 321 6.31 -5.92 18.27
C GLY A 321 7.11 -6.06 19.56
N ASP A 322 6.44 -5.75 20.67
CA ASP A 322 7.08 -5.72 21.98
C ASP A 322 7.61 -7.10 22.38
N ALA A 323 6.94 -8.16 21.92
CA ALA A 323 7.42 -9.52 22.13
C ALA A 323 8.87 -9.67 21.71
N ALA A 324 9.26 -8.95 20.66
CA ALA A 324 10.62 -9.00 20.13
C ALA A 324 11.53 -7.89 20.64
N HIS A 325 11.03 -6.67 20.80
CA HIS A 325 11.91 -5.53 21.07
C HIS A 325 11.19 -4.49 21.93
N ALA A 326 10.70 -4.91 23.08
CA ALA A 326 10.00 -3.96 23.93
C ALA A 326 11.00 -2.92 24.38
N ALA A 327 10.59 -1.66 24.27
CA ALA A 327 11.46 -0.53 24.55
C ALA A 327 10.86 0.41 25.60
N VAL A 328 11.70 1.13 26.33
CA VAL A 328 11.18 2.21 27.16
C VAL A 328 10.56 3.25 26.22
N PRO A 329 9.64 4.07 26.68
CA PRO A 329 8.84 4.86 25.74
C PRO A 329 9.32 6.26 25.41
N HIS A 330 10.60 6.59 25.53
CA HIS A 330 11.02 7.99 25.47
C HIS A 330 11.25 8.55 24.08
N HIS A 331 11.13 7.71 23.07
CA HIS A 331 10.95 8.10 21.69
C HIS A 331 9.49 8.12 21.28
N GLY A 332 8.61 7.55 22.10
CA GLY A 332 7.18 7.58 21.82
C GLY A 332 6.76 6.89 20.54
N ALA A 333 7.52 5.92 20.06
CA ALA A 333 7.28 5.41 18.73
C ALA A 333 7.34 3.89 18.66
N GLY A 334 7.19 3.22 19.79
CA GLY A 334 7.43 1.78 19.84
C GLY A 334 6.41 0.99 19.07
N ALA A 335 5.17 1.48 19.00
CA ALA A 335 4.19 0.84 18.13
C ALA A 335 4.57 0.95 16.67
N CYS A 336 5.11 2.11 16.27
CA CYS A 336 5.56 2.33 14.90
C CYS A 336 6.59 1.28 14.47
N ILE A 337 7.63 1.09 15.28
CA ILE A 337 8.59 0.02 15.02
C ILE A 337 7.85 -1.30 14.85
N GLY A 338 6.85 -1.54 15.69
CA GLY A 338 6.07 -2.77 15.57
C GLY A 338 5.28 -2.85 14.27
N ILE A 339 4.74 -1.72 13.81
CA ILE A 339 3.93 -1.74 12.58
C ILE A 339 4.81 -2.04 11.35
N GLU A 340 5.99 -1.42 11.28
CA GLU A 340 7.06 -1.88 10.41
C GLU A 340 7.22 -3.40 10.42
N ASP A 341 7.29 -4.04 11.60
CA ASP A 341 7.45 -5.50 11.64
C ASP A 341 6.28 -6.17 10.96
N ALA A 342 5.07 -5.67 11.24
CA ALA A 342 3.90 -6.33 10.71
C ALA A 342 3.86 -6.18 9.21
N LEU A 343 4.31 -5.04 8.71
CA LEU A 343 4.37 -4.84 7.27
C LEU A 343 5.33 -5.84 6.62
N CYS A 344 6.53 -5.93 7.16
CA CYS A 344 7.52 -6.87 6.63
C CYS A 344 6.99 -8.29 6.67
N ALA A 345 6.35 -8.68 7.77
CA ALA A 345 5.97 -10.07 7.91
C ALA A 345 4.76 -10.40 7.03
N THR A 346 3.84 -9.47 6.89
CA THR A 346 2.75 -9.61 5.92
C THR A 346 3.27 -9.72 4.47
N VAL A 347 4.16 -8.83 4.06
CA VAL A 347 4.63 -8.89 2.67
C VAL A 347 5.38 -10.21 2.44
N LEU A 348 6.13 -10.67 3.45
CA LEU A 348 6.92 -11.87 3.30
C LEU A 348 6.02 -13.09 3.19
N LEU A 349 5.00 -13.17 4.05
CA LEU A 349 4.15 -14.34 4.00
C LEU A 349 3.30 -14.35 2.73
N ALA A 350 2.96 -13.17 2.20
CA ALA A 350 2.23 -13.13 0.95
C ALA A 350 3.13 -13.61 -0.18
N GLU A 351 4.41 -13.27 -0.13
CA GLU A 351 5.32 -13.78 -1.14
C GLU A 351 5.43 -15.29 -1.02
N VAL A 352 5.38 -15.84 0.19
CA VAL A 352 5.39 -17.29 0.31
C VAL A 352 4.12 -17.85 -0.32
N PHE A 353 2.99 -17.21 -0.07
CA PHE A 353 1.70 -17.69 -0.57
C PHE A 353 1.68 -17.83 -2.10
N VAL A 354 2.16 -16.80 -2.79
CA VAL A 354 2.13 -16.79 -4.24
C VAL A 354 3.33 -17.54 -4.82
N SER A 355 4.52 -17.39 -4.22
CA SER A 355 5.68 -18.05 -4.81
C SER A 355 5.60 -19.57 -4.68
N THR A 356 4.64 -20.10 -3.93
CA THR A 356 4.62 -21.53 -3.64
C THR A 356 3.31 -22.20 -4.04
N ARG A 357 2.41 -21.50 -4.73
CA ARG A 357 1.20 -22.16 -5.20
C ARG A 357 1.57 -23.40 -6.04
N GLY A 358 0.94 -24.53 -5.72
CA GLY A 358 1.15 -25.77 -6.45
C GLY A 358 2.43 -26.51 -6.13
N LYS A 359 3.29 -25.96 -5.30
CA LYS A 359 4.41 -26.73 -4.80
C LYS A 359 3.90 -27.67 -3.71
N SER A 360 4.78 -28.53 -3.21
CA SER A 360 4.44 -29.54 -2.23
C SER A 360 4.42 -28.99 -0.81
N SER A 361 3.83 -29.76 0.10
CA SER A 361 3.92 -29.44 1.52
C SER A 361 5.36 -29.15 1.94
N ILE A 362 6.29 -29.98 1.49
CA ILE A 362 7.68 -29.81 1.92
C ILE A 362 8.16 -28.40 1.61
N VAL A 363 7.98 -27.99 0.36
CA VAL A 363 8.52 -26.73 -0.13
C VAL A 363 7.82 -25.56 0.58
N ARG A 364 6.50 -25.66 0.77
CA ARG A 364 5.81 -24.56 1.41
C ARG A 364 6.32 -24.31 2.81
N ASN A 365 6.63 -25.37 3.54
CA ASN A 365 7.10 -25.17 4.90
C ASN A 365 8.54 -24.71 4.90
N ARG A 366 9.36 -25.11 3.92
CA ARG A 366 10.67 -24.46 3.83
C ARG A 366 10.50 -22.99 3.45
N ALA A 367 9.47 -22.65 2.67
CA ALA A 367 9.27 -21.25 2.33
C ALA A 367 8.97 -20.43 3.56
N ILE A 368 8.10 -20.92 4.45
CA ILE A 368 7.78 -20.18 5.67
C ILE A 368 9.04 -19.88 6.46
N ALA A 369 9.83 -20.92 6.74
CA ALA A 369 11.04 -20.70 7.54
C ALA A 369 12.03 -19.78 6.83
N ALA A 370 12.20 -19.94 5.52
CA ALA A 370 13.02 -19.01 4.74
C ALA A 370 12.52 -17.57 4.89
N ALA A 371 11.21 -17.37 4.87
CA ALA A 371 10.70 -16.02 5.02
C ALA A 371 10.93 -15.49 6.42
N PHE A 372 10.72 -16.31 7.45
CA PHE A 372 11.01 -15.87 8.80
C PHE A 372 12.48 -15.56 8.99
N GLY A 373 13.37 -16.30 8.29
CA GLY A 373 14.78 -15.96 8.35
C GLY A 373 15.04 -14.58 7.79
N SER A 374 14.40 -14.26 6.68
CA SER A 374 14.60 -12.95 6.11
C SER A 374 14.05 -11.88 7.02
N PHE A 375 12.90 -12.12 7.65
CA PHE A 375 12.38 -11.18 8.64
C PHE A 375 13.45 -10.83 9.64
N ASN A 376 14.06 -11.86 10.23
CA ASN A 376 15.09 -11.64 11.25
C ASN A 376 16.22 -10.79 10.72
N ALA A 377 16.74 -11.11 9.55
CA ALA A 377 17.90 -10.40 9.03
C ALA A 377 17.60 -8.93 8.84
N VAL A 378 16.45 -8.64 8.26
CA VAL A 378 16.08 -7.29 7.83
C VAL A 378 15.67 -6.38 8.98
N ARG A 379 15.13 -6.93 10.06
CA ARG A 379 14.52 -6.10 11.09
C ARG A 379 15.34 -6.01 12.36
N ARG A 380 16.14 -7.03 12.68
CA ARG A 380 16.67 -7.17 14.02
C ARG A 380 17.57 -6.00 14.39
N VAL A 381 18.31 -5.48 13.43
CA VAL A 381 19.23 -4.40 13.77
C VAL A 381 18.48 -3.10 14.07
N ARG A 382 17.53 -2.72 13.22
CA ARG A 382 16.83 -1.47 13.46
C ARG A 382 16.06 -1.55 14.77
N ALA A 383 15.53 -2.74 15.09
CA ALA A 383 14.62 -2.85 16.21
C ALA A 383 15.38 -2.76 17.53
N GLN A 384 16.54 -3.40 17.61
CA GLN A 384 17.37 -3.35 18.79
C GLN A 384 18.16 -2.04 18.88
N TRP A 385 18.51 -1.44 17.75
CA TRP A 385 18.93 -0.04 17.79
C TRP A 385 17.87 0.83 18.47
N PHE A 386 16.61 0.54 18.23
CA PHE A 386 15.57 1.41 18.75
C PHE A 386 15.41 1.26 20.25
N VAL A 387 15.56 0.04 20.76
CA VAL A 387 15.56 -0.19 22.21
C VAL A 387 16.65 0.64 22.89
N ASP A 388 17.89 0.52 22.40
CA ASP A 388 19.02 1.29 22.89
C ASP A 388 18.78 2.78 22.80
N SER A 389 18.30 3.22 21.66
CA SER A 389 18.13 4.64 21.43
C SER A 389 17.08 5.20 22.36
N SER A 390 16.17 4.36 22.84
CA SER A 390 15.12 4.85 23.73
C SER A 390 15.71 5.17 25.10
N ARG A 391 16.49 4.24 25.66
CA ARG A 391 17.21 4.53 26.89
C ARG A 391 18.16 5.68 26.68
N ARG A 392 18.87 5.68 25.55
CA ARG A 392 19.82 6.73 25.26
C ARG A 392 19.20 8.13 25.38
N VAL A 393 18.14 8.41 24.61
CA VAL A 393 17.56 9.74 24.64
C VAL A 393 16.98 10.06 26.02
N CYS A 394 16.55 9.04 26.75
CA CYS A 394 16.13 9.28 28.13
C CYS A 394 17.30 9.81 28.95
N ASP A 395 18.50 9.26 28.72
CA ASP A 395 19.68 9.68 29.45
C ASP A 395 20.03 11.13 29.13
N LEU A 396 19.74 11.55 27.92
CA LEU A 396 19.99 12.93 27.53
C LEU A 396 18.96 13.85 28.11
N TYR A 397 17.75 13.35 28.37
CA TYR A 397 16.75 14.20 28.98
C TYR A 397 17.06 14.43 30.45
N GLN A 398 17.88 13.54 31.03
CA GLN A 398 18.12 13.46 32.47
C GLN A 398 19.58 13.66 32.83
N GLN A 399 20.41 14.11 31.90
CA GLN A 399 21.78 14.42 32.23
C GLN A 399 21.82 15.09 33.59
N PRO A 400 22.64 14.61 34.52
CA PRO A 400 22.96 15.40 35.73
C PRO A 400 23.41 16.82 35.40
N GLU A 401 24.07 17.00 34.25
CA GLU A 401 24.57 18.29 33.81
C GLU A 401 23.52 19.36 33.65
N TRP A 402 22.24 19.02 33.58
CA TRP A 402 21.28 20.09 33.40
C TRP A 402 21.27 21.04 34.59
N ALA A 403 21.81 20.63 35.73
CA ALA A 403 21.68 21.42 36.95
C ALA A 403 22.92 22.29 37.18
N ASP A 404 24.08 21.65 37.26
CA ASP A 404 25.38 22.27 37.05
C ASP A 404 25.26 23.35 35.97
N PRO A 405 25.34 24.63 36.32
CA PRO A 405 25.21 25.69 35.29
C PRO A 405 26.52 26.06 34.62
N GLN A 406 27.61 25.34 34.87
CA GLN A 406 28.83 25.46 34.08
C GLN A 406 28.96 24.34 33.05
N LYS A 407 28.00 23.42 33.00
CA LYS A 407 27.97 22.37 31.99
C LYS A 407 26.70 22.44 31.15
N ARG A 408 25.99 23.57 31.19
CA ARG A 408 24.82 23.82 30.35
C ARG A 408 25.18 24.09 28.90
N ILE A 409 26.46 24.00 28.55
CA ILE A 409 26.91 24.11 27.18
C ILE A 409 27.08 22.73 26.56
N LYS A 410 27.81 21.84 27.25
CA LYS A 410 27.88 20.44 26.82
C LYS A 410 26.50 19.77 26.85
N ALA A 411 25.74 19.98 27.94
CA ALA A 411 24.41 19.38 28.07
C ALA A 411 23.57 19.62 26.82
N GLU A 412 23.56 20.86 26.34
CA GLU A 412 22.61 21.30 25.32
C GLU A 412 22.98 20.85 23.91
N ASN A 413 24.16 20.26 23.70
CA ASN A 413 24.47 19.71 22.39
C ASN A 413 23.85 18.34 22.19
N CYS A 414 23.19 17.81 23.21
CA CYS A 414 22.47 16.56 23.04
C CYS A 414 21.49 16.66 21.87
N PHE A 415 20.94 17.84 21.61
CA PHE A 415 19.80 17.95 20.71
C PHE A 415 20.15 17.69 19.23
N GLU A 416 21.41 17.76 18.85
CA GLU A 416 21.75 17.28 17.51
C GLU A 416 21.57 15.77 17.45
N GLU A 417 21.82 15.08 18.55
CA GLU A 417 21.64 13.63 18.63
C GLU A 417 20.16 13.24 18.71
N ILE A 418 19.36 13.95 19.52
CA ILE A 418 17.92 13.72 19.53
C ILE A 418 17.37 13.85 18.10
N LYS A 419 17.83 14.85 17.35
CA LYS A 419 17.29 15.13 16.03
C LYS A 419 17.67 14.01 15.06
N ASP A 420 18.93 13.58 15.08
CA ASP A 420 19.32 12.53 14.16
C ASP A 420 18.61 11.24 14.49
N ARG A 421 18.56 10.89 15.78
CA ARG A 421 17.85 9.70 16.24
C ARG A 421 16.35 9.78 15.90
N SER A 422 15.74 10.94 16.09
CA SER A 422 14.33 11.05 15.76
C SER A 422 14.11 10.83 14.28
N HIS A 423 14.90 11.54 13.45
CA HIS A 423 14.82 11.38 12.02
C HIS A 423 15.06 9.94 11.58
N LYS A 424 15.99 9.22 12.22
CA LYS A 424 16.18 7.82 11.85
C LYS A 424 14.91 7.01 12.13
N ILE A 425 14.12 7.42 13.13
CA ILE A 425 12.84 6.74 13.35
C ILE A 425 11.84 7.18 12.32
N TRP A 426 11.78 8.48 12.04
CA TRP A 426 10.68 9.06 11.29
C TRP A 426 10.81 8.92 9.77
N HIS A 427 12.01 8.76 9.24
CA HIS A 427 12.24 8.74 7.80
C HIS A 427 12.73 7.36 7.38
N PHE A 428 12.11 6.36 7.95
CA PHE A 428 12.47 4.99 7.65
C PHE A 428 12.11 4.65 6.21
N ASP A 429 13.08 4.17 5.44
CA ASP A 429 12.83 3.77 4.05
C ASP A 429 12.25 2.36 4.08
N TYR A 430 10.93 2.27 4.25
CA TYR A 430 10.31 0.97 4.38
C TYR A 430 10.18 0.25 3.03
N ASN A 431 10.12 0.99 1.91
CA ASN A 431 10.14 0.28 0.63
C ASN A 431 11.44 -0.47 0.43
N SER A 432 12.55 0.09 0.90
CA SER A 432 13.80 -0.64 0.79
C SER A 432 13.81 -1.85 1.71
N MET A 433 13.11 -1.77 2.85
CA MET A 433 13.05 -2.92 3.74
C MET A 433 12.30 -4.07 3.08
N LEU A 434 11.18 -3.77 2.42
CA LEU A 434 10.44 -4.80 1.70
C LEU A 434 11.28 -5.39 0.58
N GLN A 435 11.92 -4.54 -0.24
CA GLN A 435 12.78 -5.03 -1.31
C GLN A 435 13.84 -5.99 -0.78
N GLU A 436 14.69 -5.50 0.11
CA GLU A 436 15.70 -6.32 0.77
C GLU A 436 15.09 -7.59 1.35
N ALA A 437 13.90 -7.46 1.92
CA ALA A 437 13.20 -8.60 2.50
C ALA A 437 12.92 -9.67 1.47
N ILE A 438 12.35 -9.27 0.32
CA ILE A 438 12.04 -10.26 -0.72
C ILE A 438 13.33 -10.89 -1.25
N GLU A 439 14.33 -10.06 -1.55
CA GLU A 439 15.59 -10.60 -2.07
C GLU A 439 16.24 -11.57 -1.08
N LYS A 440 16.22 -11.26 0.23
CA LYS A 440 16.81 -12.20 1.17
C LYS A 440 15.98 -13.47 1.27
N TYR A 441 14.66 -13.37 1.13
CA TYR A 441 13.84 -14.59 1.08
C TYR A 441 14.22 -15.45 -0.13
N ARG A 442 14.31 -14.84 -1.31
CA ARG A 442 14.68 -15.60 -2.50
C ARG A 442 16.03 -16.27 -2.31
N HIS A 443 17.02 -15.52 -1.79
CA HIS A 443 18.33 -16.09 -1.50
C HIS A 443 18.19 -17.31 -0.61
N ASN A 444 17.45 -17.18 0.49
CA ASN A 444 17.28 -18.29 1.42
C ASN A 444 16.65 -19.51 0.75
N MET A 445 15.93 -19.31 -0.33
CA MET A 445 15.23 -20.40 -0.99
C MET A 445 16.09 -21.17 -1.97
N GLY A 446 17.25 -20.64 -2.33
CA GLY A 446 18.01 -21.15 -3.46
C GLY A 446 17.74 -20.41 -4.75
N SER A 447 17.21 -19.19 -4.68
CA SER A 447 16.87 -18.38 -5.86
C SER A 447 17.58 -17.01 -5.87
N GLN B 11 -20.64 15.25 6.65
CA GLN B 11 -20.97 14.00 5.96
C GLN B 11 -19.70 13.44 5.35
N PRO B 12 -19.84 12.35 4.57
CA PRO B 12 -18.70 11.90 3.77
C PRO B 12 -18.77 12.56 2.41
N LEU B 13 -17.87 12.13 1.58
CA LEU B 13 -17.71 12.60 0.21
C LEU B 13 -18.21 11.51 -0.73
N SER B 14 -19.08 11.88 -1.65
CA SER B 14 -19.64 10.93 -2.60
C SER B 14 -18.98 11.13 -3.97
N VAL B 15 -18.67 10.04 -4.61
CA VAL B 15 -17.99 10.03 -5.89
C VAL B 15 -18.78 9.15 -6.84
N GLY B 16 -19.22 9.73 -7.93
CA GLY B 16 -19.92 8.99 -8.97
C GLY B 16 -18.93 8.56 -10.02
N ILE B 17 -18.66 7.27 -10.13
CA ILE B 17 -17.77 6.76 -11.16
C ILE B 17 -18.64 6.25 -12.29
N VAL B 18 -18.47 6.83 -13.45
CA VAL B 18 -19.18 6.38 -14.64
C VAL B 18 -18.30 5.36 -15.35
N GLY B 19 -18.78 4.12 -15.42
CA GLY B 19 -18.11 3.08 -16.15
C GLY B 19 -17.60 2.02 -15.19
N GLY B 20 -18.02 0.78 -15.42
CA GLY B 20 -17.69 -0.37 -14.60
C GLY B 20 -16.71 -1.29 -15.27
N GLY B 21 -15.68 -0.73 -15.88
CA GLY B 21 -14.60 -1.51 -16.44
C GLY B 21 -13.57 -1.78 -15.37
N ILE B 22 -12.39 -2.20 -15.82
CA ILE B 22 -11.30 -2.52 -14.92
C ILE B 22 -10.95 -1.32 -14.05
N ILE B 23 -10.81 -0.16 -14.70
CA ILE B 23 -10.29 0.99 -13.97
C ILE B 23 -11.35 1.55 -13.03
N GLY B 24 -12.60 1.69 -13.50
CA GLY B 24 -13.67 2.13 -12.62
C GLY B 24 -13.82 1.28 -11.37
N VAL B 25 -13.72 -0.02 -11.50
CA VAL B 25 -14.01 -0.88 -10.37
C VAL B 25 -12.82 -0.89 -9.41
N ILE B 26 -11.61 -0.85 -9.95
CA ILE B 26 -10.41 -0.74 -9.14
C ILE B 26 -10.41 0.61 -8.42
N LEU B 27 -10.69 1.69 -9.16
CA LEU B 27 -10.80 2.98 -8.52
C LEU B 27 -11.80 2.91 -7.36
N ALA B 28 -12.95 2.29 -7.59
CA ALA B 28 -13.99 2.19 -6.55
C ALA B 28 -13.48 1.44 -5.34
N ALA B 29 -12.82 0.32 -5.58
CA ALA B 29 -12.37 -0.50 -4.48
C ALA B 29 -11.39 0.28 -3.60
N GLY B 30 -10.53 1.06 -4.23
CA GLY B 30 -9.60 1.87 -3.49
C GLY B 30 -10.28 2.95 -2.70
N LEU B 31 -11.41 3.45 -3.21
CA LEU B 31 -12.07 4.59 -2.59
C LEU B 31 -12.90 4.13 -1.39
N VAL B 32 -13.59 2.99 -1.50
CA VAL B 32 -14.40 2.55 -0.37
C VAL B 32 -13.52 2.06 0.76
N ARG B 33 -12.41 1.44 0.42
CA ARG B 33 -11.52 0.97 1.45
C ARG B 33 -11.03 2.11 2.32
N ARG B 34 -11.24 3.35 1.89
CA ARG B 34 -10.80 4.52 2.63
C ARG B 34 -11.96 5.33 3.23
N GLY B 35 -13.20 4.87 3.08
CA GLY B 35 -14.35 5.55 3.67
C GLY B 35 -15.13 6.48 2.74
N ILE B 36 -14.72 6.59 1.49
CA ILE B 36 -15.41 7.47 0.55
C ILE B 36 -16.63 6.76 0.01
N ASP B 37 -17.74 7.49 -0.05
N ASP B 37 -17.76 7.46 -0.04
CA ASP B 37 -19.00 7.00 -0.62
CA ASP B 37 -18.97 6.89 -0.61
C ASP B 37 -18.87 6.92 -2.15
C ASP B 37 -18.86 6.90 -2.13
N VAL B 38 -19.06 5.74 -2.72
CA VAL B 38 -18.82 5.52 -4.13
C VAL B 38 -20.04 4.90 -4.78
N LYS B 39 -20.33 5.32 -6.01
CA LYS B 39 -21.26 4.59 -6.87
C LYS B 39 -20.64 4.37 -8.23
N VAL B 40 -20.71 3.15 -8.74
CA VAL B 40 -20.28 2.84 -10.09
C VAL B 40 -21.49 2.62 -11.02
N PHE B 41 -21.60 3.45 -12.05
CA PHE B 41 -22.68 3.39 -13.02
C PHE B 41 -22.18 2.77 -14.31
N GLU B 42 -22.70 1.60 -14.64
CA GLU B 42 -22.26 0.86 -15.80
C GLU B 42 -23.42 0.67 -16.76
N GLN B 43 -23.17 0.89 -18.06
CA GLN B 43 -24.27 0.88 -19.02
C GLN B 43 -24.74 -0.54 -19.36
N ALA B 44 -23.80 -1.49 -19.49
CA ALA B 44 -24.16 -2.87 -19.79
C ALA B 44 -24.95 -3.57 -18.67
N ARG B 45 -25.57 -4.70 -19.03
CA ARG B 45 -26.46 -5.44 -18.14
C ARG B 45 -25.66 -6.54 -17.45
N GLY B 46 -24.91 -6.15 -16.42
CA GLY B 46 -24.17 -7.13 -15.63
C GLY B 46 -23.41 -8.12 -16.47
N PHE B 47 -22.84 -7.66 -17.58
CA PHE B 47 -22.08 -8.51 -18.50
C PHE B 47 -20.59 -8.30 -18.30
N ARG B 48 -19.83 -9.25 -18.83
CA ARG B 48 -18.48 -8.99 -19.30
C ARG B 48 -18.36 -9.51 -20.72
N GLU B 49 -19.50 -9.54 -21.43
CA GLU B 49 -19.57 -9.96 -22.83
C GLU B 49 -18.83 -11.29 -23.05
N ALA B 52 -11.84 -12.43 -23.47
CA ALA B 52 -10.55 -11.76 -23.70
C ALA B 52 -9.63 -11.80 -22.45
N GLY B 53 -8.40 -11.28 -22.60
CA GLY B 53 -7.37 -11.44 -21.59
C GLY B 53 -6.44 -10.22 -21.55
N MET B 54 -5.83 -10.01 -20.37
CA MET B 54 -4.96 -8.85 -20.17
C MET B 54 -3.88 -9.13 -19.13
N ALA B 55 -2.89 -8.23 -19.10
CA ALA B 55 -1.66 -8.44 -18.35
C ALA B 55 -1.25 -7.18 -17.62
N PHE B 56 -0.67 -7.34 -16.44
CA PHE B 56 -0.23 -6.22 -15.60
C PHE B 56 1.26 -6.32 -15.32
N THR B 57 1.95 -5.19 -15.37
CA THR B 57 3.35 -5.16 -14.92
C THR B 57 3.42 -5.28 -13.39
N ALA B 58 4.55 -5.76 -12.92
CA ALA B 58 4.73 -5.86 -11.49
C ALA B 58 4.53 -4.52 -10.77
N ASN B 59 4.95 -3.42 -11.42
CA ASN B 59 4.74 -2.08 -10.93
C ASN B 59 3.26 -1.76 -10.74
N ALA B 60 2.42 -2.16 -11.69
CA ALA B 60 1.01 -1.92 -11.60
C ALA B 60 0.37 -2.79 -10.53
N VAL B 61 0.92 -3.98 -10.34
CA VAL B 61 0.40 -4.85 -9.30
C VAL B 61 0.74 -4.30 -7.92
N ARG B 62 1.88 -3.64 -7.79
CA ARG B 62 2.17 -2.92 -6.56
C ARG B 62 1.29 -1.69 -6.41
N CYS B 63 0.90 -1.09 -7.53
CA CYS B 63 -0.08 -0.02 -7.42
C CYS B 63 -1.42 -0.57 -6.97
N MET B 64 -1.85 -1.70 -7.54
CA MET B 64 -3.09 -2.32 -7.08
C MET B 64 -3.10 -2.57 -5.59
N GLU B 65 -2.08 -3.25 -5.10
CA GLU B 65 -1.89 -3.49 -3.68
C GLU B 65 -2.06 -2.22 -2.84
N MET B 66 -1.42 -1.12 -3.22
CA MET B 66 -1.60 0.13 -2.49
CA MET B 66 -1.60 0.12 -2.48
C MET B 66 -3.04 0.62 -2.55
N LEU B 67 -3.80 0.26 -3.61
CA LEU B 67 -5.20 0.65 -3.62
C LEU B 67 -6.01 -0.19 -2.64
N ASP B 68 -5.76 -1.50 -2.61
CA ASP B 68 -6.44 -2.42 -1.72
C ASP B 68 -5.88 -3.81 -2.00
N PRO B 69 -5.24 -4.45 -1.01
CA PRO B 69 -4.55 -5.71 -1.30
C PRO B 69 -5.45 -6.79 -1.78
N ALA B 70 -6.74 -6.70 -1.45
CA ALA B 70 -7.68 -7.67 -1.97
C ALA B 70 -7.76 -7.64 -3.50
N ILE B 71 -7.44 -6.49 -4.13
CA ILE B 71 -7.42 -6.44 -5.59
C ILE B 71 -6.38 -7.39 -6.15
N VAL B 72 -5.18 -7.39 -5.57
CA VAL B 72 -4.16 -8.31 -6.05
C VAL B 72 -4.58 -9.74 -5.79
N TRP B 73 -5.24 -9.98 -4.65
CA TRP B 73 -5.78 -11.30 -4.36
C TRP B 73 -6.79 -11.72 -5.42
N ALA B 74 -7.70 -10.82 -5.76
CA ALA B 74 -8.65 -11.09 -6.83
C ALA B 74 -7.94 -11.44 -8.13
N LEU B 75 -6.91 -10.69 -8.48
CA LEU B 75 -6.14 -10.97 -9.69
C LEU B 75 -5.62 -12.40 -9.70
N ARG B 76 -5.06 -12.87 -8.56
CA ARG B 76 -4.35 -14.14 -8.59
C ARG B 76 -5.26 -15.32 -8.36
N SER B 77 -6.44 -15.09 -7.84
CA SER B 77 -7.44 -16.11 -7.66
C SER B 77 -8.28 -16.26 -8.91
N SER B 78 -8.25 -15.28 -9.79
N SER B 78 -8.19 -15.28 -9.81
CA SER B 78 -8.96 -15.42 -11.05
CA SER B 78 -8.92 -15.24 -11.09
C SER B 78 -8.13 -16.21 -12.05
C SER B 78 -8.02 -15.55 -12.29
N GLY B 79 -6.81 -16.01 -12.06
CA GLY B 79 -5.97 -16.50 -13.13
C GLY B 79 -5.90 -18.02 -13.08
N ALA B 80 -4.69 -18.56 -13.20
CA ALA B 80 -4.44 -20.00 -13.08
C ALA B 80 -3.39 -20.26 -12.00
N VAL B 81 -2.95 -21.52 -11.91
CA VAL B 81 -1.87 -21.92 -11.02
C VAL B 81 -0.71 -22.40 -11.90
N PRO B 82 0.49 -21.76 -11.84
CA PRO B 82 1.63 -22.02 -12.75
C PRO B 82 1.91 -23.49 -13.07
N GLN B 89 11.11 -26.58 -10.98
CA GLN B 89 11.01 -26.30 -9.54
C GLN B 89 11.44 -24.84 -9.21
N ALA B 90 12.48 -24.30 -9.85
CA ALA B 90 12.86 -22.91 -9.58
C ALA B 90 11.75 -21.94 -10.06
N GLU B 91 12.00 -20.64 -9.93
CA GLU B 91 10.99 -19.62 -10.24
C GLU B 91 11.30 -18.97 -11.58
N ALA B 92 10.28 -18.88 -12.45
CA ALA B 92 10.45 -18.39 -13.81
C ALA B 92 10.47 -16.87 -13.88
N ARG B 93 11.42 -16.35 -14.65
CA ARG B 93 11.44 -14.95 -15.04
C ARG B 93 10.60 -14.71 -16.30
N ASP B 94 10.01 -13.54 -16.38
CA ASP B 94 9.16 -13.18 -17.49
C ASP B 94 9.97 -12.43 -18.54
N TYR B 95 9.80 -12.84 -19.81
CA TYR B 95 10.57 -12.35 -20.93
C TYR B 95 9.66 -11.98 -22.11
N LEU B 96 9.83 -10.77 -22.60
CA LEU B 96 9.38 -10.41 -23.93
C LEU B 96 10.43 -10.85 -24.95
N ARG B 97 9.99 -11.49 -26.02
CA ARG B 97 10.90 -11.95 -27.05
C ARG B 97 10.43 -11.53 -28.43
N TRP B 98 11.38 -11.17 -29.29
CA TRP B 98 11.09 -10.86 -30.67
C TRP B 98 11.82 -11.80 -31.62
N VAL B 99 11.13 -12.15 -32.70
CA VAL B 99 11.55 -13.12 -33.69
C VAL B 99 11.35 -12.53 -35.09
N ASP B 100 12.26 -12.89 -36.01
CA ASP B 100 12.09 -12.56 -37.43
C ASP B 100 10.94 -13.37 -38.01
N GLY B 101 9.90 -12.68 -38.49
CA GLY B 101 8.72 -13.36 -39.01
C GLY B 101 8.67 -13.54 -40.52
N TYR B 102 9.58 -12.89 -41.25
CA TYR B 102 9.51 -12.77 -42.69
C TYR B 102 10.41 -13.74 -43.43
N HIS B 103 11.56 -14.02 -42.86
CA HIS B 103 12.54 -14.93 -43.41
C HIS B 103 12.49 -16.23 -42.64
N GLU B 104 12.79 -17.32 -43.33
CA GLU B 104 12.82 -18.61 -42.66
C GLU B 104 13.93 -18.68 -41.62
N SER B 105 14.95 -17.83 -41.74
CA SER B 105 15.95 -17.69 -40.69
C SER B 105 15.27 -17.79 -39.34
N SER B 106 14.19 -17.03 -39.19
CA SER B 106 13.39 -17.00 -37.97
C SER B 106 14.28 -16.89 -36.73
N LYS B 107 15.33 -16.08 -36.86
CA LYS B 107 16.31 -15.90 -35.80
C LYS B 107 15.73 -15.08 -34.66
N ARG B 108 16.11 -15.42 -33.43
CA ARG B 108 15.63 -14.65 -32.28
C ARG B 108 16.39 -13.33 -32.24
N LEU B 109 15.67 -12.24 -32.41
CA LEU B 109 16.34 -10.96 -32.55
C LEU B 109 16.64 -10.30 -31.21
N TYR B 110 15.75 -10.44 -30.25
CA TYR B 110 15.84 -9.61 -29.07
C TYR B 110 14.97 -10.19 -27.97
N GLN B 111 15.27 -9.78 -26.76
CA GLN B 111 14.76 -10.41 -25.57
C GLN B 111 14.84 -9.38 -24.45
N LEU B 112 13.80 -9.27 -23.67
CA LEU B 112 13.76 -8.31 -22.58
C LEU B 112 13.33 -9.03 -21.34
N ASP B 113 14.12 -8.90 -20.29
CA ASP B 113 13.89 -9.61 -19.05
C ASP B 113 13.12 -8.71 -18.10
N ALA B 114 11.93 -9.17 -17.68
CA ALA B 114 11.08 -8.39 -16.80
C ALA B 114 11.07 -8.93 -15.37
N GLY B 115 11.92 -9.92 -15.07
CA GLY B 115 12.05 -10.43 -13.72
C GLY B 115 10.90 -11.33 -13.30
N ILE B 116 11.02 -11.80 -12.07
CA ILE B 116 10.04 -12.73 -11.51
C ILE B 116 8.74 -11.99 -11.37
N ARG B 117 7.66 -12.62 -11.83
CA ARG B 117 6.33 -12.02 -11.78
C ARG B 117 6.40 -10.58 -12.29
N GLY B 118 7.28 -10.35 -13.27
CA GLY B 118 7.32 -9.07 -13.97
C GLY B 118 6.04 -8.75 -14.70
N PHE B 119 5.32 -9.78 -15.16
CA PHE B 119 3.94 -9.64 -15.62
C PHE B 119 3.09 -10.69 -14.93
N GLU B 120 1.84 -10.33 -14.65
CA GLU B 120 0.86 -11.20 -14.01
C GLU B 120 -0.40 -11.05 -14.83
N ALA B 121 -1.08 -12.16 -15.02
CA ALA B 121 -2.11 -12.25 -16.04
C ALA B 121 -3.39 -12.84 -15.47
N CYS B 122 -4.49 -12.43 -16.09
CA CYS B 122 -5.83 -12.82 -15.68
C CYS B 122 -6.69 -12.90 -16.93
N ARG B 123 -7.93 -13.39 -16.76
CA ARG B 123 -8.97 -13.18 -17.76
C ARG B 123 -9.79 -11.94 -17.37
N ARG B 124 -9.96 -11.01 -18.31
CA ARG B 124 -10.64 -9.76 -17.97
C ARG B 124 -11.95 -10.00 -17.24
N ASP B 125 -12.74 -10.96 -17.71
CA ASP B 125 -14.08 -11.13 -17.17
C ASP B 125 -14.06 -11.77 -15.80
N GLN B 126 -13.12 -12.70 -15.56
CA GLN B 126 -13.05 -13.36 -14.25
C GLN B 126 -12.52 -12.40 -13.17
N PHE B 127 -11.65 -11.49 -13.57
CA PHE B 127 -11.05 -10.55 -12.64
C PHE B 127 -12.08 -9.52 -12.20
N LEU B 128 -12.75 -8.93 -13.18
CA LEU B 128 -13.85 -8.03 -12.87
C LEU B 128 -14.88 -8.69 -11.96
N GLU B 129 -15.29 -9.93 -12.27
CA GLU B 129 -16.27 -10.59 -11.40
C GLU B 129 -15.73 -10.71 -9.98
N ALA B 130 -14.47 -11.14 -9.83
CA ALA B 130 -13.91 -11.25 -8.50
C ALA B 130 -13.87 -9.89 -7.82
N LEU B 131 -13.42 -8.86 -8.53
CA LEU B 131 -13.38 -7.52 -7.95
C LEU B 131 -14.74 -7.12 -7.38
N VAL B 132 -15.81 -7.34 -8.15
CA VAL B 132 -17.10 -6.84 -7.68
C VAL B 132 -17.55 -7.62 -6.47
N LYS B 133 -17.15 -8.90 -6.38
CA LYS B 133 -17.40 -9.65 -5.16
C LYS B 133 -16.70 -9.02 -3.98
N VAL B 134 -15.50 -8.48 -4.19
CA VAL B 134 -14.73 -7.86 -3.13
C VAL B 134 -15.37 -6.58 -2.63
N LEU B 135 -16.03 -5.84 -3.50
CA LEU B 135 -16.69 -4.63 -3.11
C LEU B 135 -17.89 -4.92 -2.20
N PRO B 136 -18.21 -3.99 -1.30
CA PRO B 136 -19.53 -3.94 -0.68
C PRO B 136 -20.63 -4.11 -1.69
N GLU B 137 -21.78 -4.57 -1.22
CA GLU B 137 -22.96 -4.71 -2.06
C GLU B 137 -23.48 -3.35 -2.46
N GLY B 138 -24.17 -3.29 -3.61
CA GLY B 138 -24.80 -2.06 -4.06
C GLY B 138 -23.86 -0.89 -4.28
N ILE B 139 -22.64 -1.15 -4.73
CA ILE B 139 -21.79 -0.11 -5.25
C ILE B 139 -21.98 0.03 -6.78
N VAL B 140 -22.17 -1.08 -7.46
CA VAL B 140 -22.24 -1.10 -8.91
C VAL B 140 -23.70 -1.12 -9.29
N GLU B 141 -24.11 -0.12 -10.08
CA GLU B 141 -25.44 -0.03 -10.66
C GLU B 141 -25.33 -0.29 -12.16
N CYS B 142 -25.93 -1.38 -12.63
CA CYS B 142 -25.87 -1.76 -14.02
C CYS B 142 -27.05 -1.16 -14.78
N GLN B 143 -26.97 -1.25 -16.11
CA GLN B 143 -27.97 -0.64 -17.03
C GLN B 143 -28.20 0.84 -16.71
N LYS B 144 -27.10 1.54 -16.45
CA LYS B 144 -27.10 2.95 -16.08
C LYS B 144 -26.19 3.62 -17.09
N ARG B 145 -26.75 3.99 -18.21
CA ARG B 145 -26.02 4.60 -19.29
C ARG B 145 -26.13 6.10 -19.15
N LEU B 146 -24.99 6.74 -18.92
CA LEU B 146 -24.95 8.19 -18.81
C LEU B 146 -25.23 8.85 -20.14
N GLN B 147 -26.16 9.81 -20.11
CA GLN B 147 -26.51 10.63 -21.26
C GLN B 147 -26.04 12.08 -21.16
N LYS B 148 -26.14 12.68 -19.99
CA LYS B 148 -25.89 14.11 -19.83
C LYS B 148 -25.31 14.35 -18.44
N ILE B 149 -24.48 15.37 -18.32
CA ILE B 149 -24.00 15.83 -17.03
C ILE B 149 -24.47 17.26 -16.84
N HIS B 150 -24.95 17.55 -15.66
CA HIS B 150 -25.43 18.87 -15.30
C HIS B 150 -24.53 19.38 -14.16
N GLU B 151 -23.59 20.26 -14.49
CA GLU B 151 -22.82 20.96 -13.48
C GLU B 151 -23.49 22.26 -13.11
N LYS B 152 -23.04 22.82 -12.01
CA LYS B 152 -23.60 24.08 -11.52
C LYS B 152 -22.48 24.83 -10.82
N ASN B 153 -22.71 25.23 -9.57
CA ASN B 153 -21.64 25.81 -8.78
C ASN B 153 -20.71 24.73 -8.27
N GLU B 154 -19.49 25.15 -7.93
CA GLU B 154 -18.56 24.27 -7.24
C GLU B 154 -19.14 23.68 -5.98
N THR B 155 -20.07 24.40 -5.34
CA THR B 155 -20.65 23.98 -4.07
C THR B 155 -21.84 23.05 -4.21
N GLU B 156 -22.44 22.98 -5.38
CA GLU B 156 -23.56 22.09 -5.59
C GLU B 156 -23.07 20.74 -6.09
N LYS B 157 -23.87 19.72 -5.83
CA LYS B 157 -23.61 18.41 -6.37
C LYS B 157 -23.70 18.44 -7.89
N VAL B 158 -22.92 17.59 -8.52
CA VAL B 158 -23.01 17.39 -9.95
C VAL B 158 -24.13 16.39 -10.20
N THR B 159 -24.88 16.59 -11.25
CA THR B 159 -26.00 15.70 -11.53
C THR B 159 -25.70 14.87 -12.76
N LEU B 160 -25.92 13.57 -12.62
CA LEU B 160 -25.79 12.65 -13.73
C LEU B 160 -27.18 12.25 -14.18
N GLU B 161 -27.41 12.29 -15.48
CA GLU B 161 -28.68 11.87 -16.04
C GLU B 161 -28.48 10.59 -16.86
N PHE B 162 -29.28 9.59 -16.60
CA PHE B 162 -29.13 8.37 -17.39
C PHE B 162 -30.23 8.24 -18.44
N ALA B 163 -30.02 7.28 -19.32
CA ALA B 163 -30.87 7.09 -20.49
C ALA B 163 -32.21 6.46 -20.14
N ASP B 164 -32.27 5.68 -19.08
CA ASP B 164 -33.56 5.18 -18.61
C ASP B 164 -34.30 6.21 -17.78
N GLY B 165 -33.95 7.48 -17.92
CA GLY B 165 -34.70 8.50 -17.24
C GLY B 165 -34.35 8.73 -15.80
N THR B 166 -33.41 7.99 -15.23
CA THR B 166 -33.07 8.19 -13.82
C THR B 166 -31.96 9.24 -13.64
N PHE B 167 -31.76 9.65 -12.38
CA PHE B 167 -30.73 10.63 -12.05
C PHE B 167 -29.95 10.23 -10.81
N ALA B 168 -28.72 10.72 -10.73
CA ALA B 168 -27.91 10.58 -9.53
C ALA B 168 -27.31 11.93 -9.19
N HIS B 169 -26.95 12.09 -7.93
CA HIS B 169 -26.38 13.33 -7.42
C HIS B 169 -25.13 12.98 -6.64
N VAL B 170 -24.01 13.61 -6.98
CA VAL B 170 -22.72 13.22 -6.43
C VAL B 170 -21.84 14.46 -6.26
N ASP B 171 -20.94 14.40 -5.28
CA ASP B 171 -20.10 15.56 -5.05
C ASP B 171 -19.12 15.79 -6.20
N CYS B 172 -18.69 14.71 -6.88
CA CYS B 172 -17.76 14.81 -8.01
C CYS B 172 -17.92 13.58 -8.89
N VAL B 173 -17.33 13.66 -10.07
CA VAL B 173 -17.57 12.66 -11.11
C VAL B 173 -16.26 12.19 -11.69
N ILE B 174 -16.12 10.89 -11.87
CA ILE B 174 -14.99 10.31 -12.59
C ILE B 174 -15.46 9.53 -13.81
N GLY B 175 -14.92 9.88 -14.98
CA GLY B 175 -15.16 9.13 -16.20
C GLY B 175 -14.17 7.99 -16.33
N ALA B 176 -14.58 6.81 -15.90
CA ALA B 176 -13.91 5.57 -16.27
C ALA B 176 -14.73 4.85 -17.33
N ASP B 177 -15.27 5.60 -18.30
CA ASP B 177 -16.19 5.03 -19.26
C ASP B 177 -15.53 4.70 -20.62
N GLY B 178 -14.22 4.50 -20.65
CA GLY B 178 -13.61 3.81 -21.76
C GLY B 178 -13.30 4.66 -22.97
N ILE B 179 -12.84 3.96 -24.00
CA ILE B 179 -12.42 4.61 -25.26
C ILE B 179 -13.48 5.52 -25.89
N ARG B 180 -14.77 5.22 -25.72
CA ARG B 180 -15.85 6.05 -26.28
C ARG B 180 -16.59 6.84 -25.19
N SER B 181 -15.82 7.28 -24.21
CA SER B 181 -16.30 7.97 -23.04
C SER B 181 -17.35 9.03 -23.35
N ARG B 182 -18.51 8.88 -22.74
CA ARG B 182 -19.47 9.96 -22.73
C ARG B 182 -18.97 11.14 -21.90
N VAL B 183 -18.29 10.88 -20.76
CA VAL B 183 -17.85 12.00 -19.91
C VAL B 183 -16.88 12.89 -20.67
N ARG B 184 -16.01 12.28 -21.49
CA ARG B 184 -15.12 13.05 -22.36
C ARG B 184 -15.90 13.97 -23.31
N GLN B 185 -16.90 13.44 -24.05
CA GLN B 185 -17.78 14.29 -24.89
C GLN B 185 -18.31 15.51 -24.12
N HIS B 186 -18.72 15.33 -22.88
CA HIS B 186 -19.21 16.48 -22.13
C HIS B 186 -18.17 17.57 -22.00
N LEU B 187 -16.90 17.17 -21.82
CA LEU B 187 -15.86 18.16 -21.57
C LEU B 187 -15.51 18.94 -22.84
N PHE B 188 -15.31 18.24 -23.95
CA PHE B 188 -14.81 18.94 -25.14
C PHE B 188 -15.91 19.31 -26.10
N GLY B 189 -17.00 18.58 -26.06
CA GLY B 189 -18.14 18.83 -26.93
C GLY B 189 -18.33 17.69 -27.92
N GLU B 190 -19.60 17.39 -28.22
CA GLU B 190 -19.89 16.21 -29.02
C GLU B 190 -19.36 16.34 -30.44
N ASP B 191 -19.26 17.56 -30.95
CA ASP B 191 -18.75 17.76 -32.30
C ASP B 191 -17.24 18.07 -32.32
N SER B 192 -16.58 18.03 -31.19
CA SER B 192 -15.15 18.21 -31.20
C SER B 192 -14.46 16.88 -31.51
N PRO B 193 -13.43 16.88 -32.35
CA PRO B 193 -12.66 15.66 -32.56
C PRO B 193 -11.98 15.19 -31.27
N TYR B 194 -11.80 16.09 -30.31
CA TYR B 194 -11.20 15.71 -29.05
C TYR B 194 -12.11 14.81 -28.22
N SER B 195 -13.37 14.66 -28.62
CA SER B 195 -14.35 13.89 -27.88
C SER B 195 -14.45 12.45 -28.30
N HIS B 196 -13.74 12.07 -29.35
CA HIS B 196 -13.84 10.75 -29.93
C HIS B 196 -12.46 10.17 -30.13
N PRO B 197 -12.37 8.86 -30.17
CA PRO B 197 -11.15 8.21 -30.67
C PRO B 197 -11.19 8.16 -32.20
N HIS B 198 -10.04 7.86 -32.78
CA HIS B 198 -9.88 7.75 -34.21
C HIS B 198 -9.03 6.53 -34.52
N TYR B 199 -8.96 6.19 -35.79
CA TYR B 199 -8.40 4.93 -36.23
C TYR B 199 -6.89 5.04 -36.40
N SER B 200 -6.20 3.98 -35.97
CA SER B 200 -4.74 3.88 -36.09
C SER B 200 -4.30 3.28 -37.42
N HIS B 201 -5.24 3.03 -38.33
CA HIS B 201 -4.96 2.41 -39.62
C HIS B 201 -4.27 1.07 -39.49
N LYS B 202 -4.60 0.35 -38.42
CA LYS B 202 -4.22 -1.04 -38.20
C LYS B 202 -5.40 -1.72 -37.57
N PHE B 203 -5.48 -3.06 -37.78
CA PHE B 203 -6.47 -3.90 -37.11
C PHE B 203 -5.86 -5.27 -36.92
N ALA B 204 -6.47 -6.05 -36.03
CA ALA B 204 -5.95 -7.36 -35.65
C ALA B 204 -6.97 -8.44 -35.90
N PHE B 205 -6.46 -9.59 -36.35
CA PHE B 205 -7.10 -10.88 -36.30
C PHE B 205 -6.72 -11.59 -35.01
N ARG B 206 -7.70 -12.20 -34.34
CA ARG B 206 -7.43 -12.93 -33.12
C ARG B 206 -8.02 -14.33 -33.19
N GLY B 207 -7.41 -15.27 -32.47
CA GLY B 207 -7.92 -16.62 -32.46
C GLY B 207 -6.95 -17.55 -31.78
N LEU B 208 -7.41 -18.77 -31.58
CA LEU B 208 -6.65 -19.76 -30.84
C LEU B 208 -6.28 -20.94 -31.70
N ILE B 209 -5.37 -21.75 -31.16
CA ILE B 209 -4.98 -23.00 -31.78
C ILE B 209 -4.54 -23.94 -30.67
N THR B 210 -4.51 -25.22 -30.97
CA THR B 210 -4.09 -26.18 -29.96
C THR B 210 -2.61 -25.99 -29.67
N MET B 211 -2.22 -26.19 -28.42
CA MET B 211 -0.80 -26.22 -28.11
C MET B 211 -0.08 -27.22 -29.01
N GLU B 212 -0.65 -28.40 -29.23
CA GLU B 212 0.01 -29.35 -30.10
C GLU B 212 0.24 -28.73 -31.49
N ASN B 213 -0.84 -28.26 -32.12
CA ASN B 213 -0.72 -27.53 -33.38
C ASN B 213 0.36 -26.44 -33.29
N ALA B 214 0.24 -25.57 -32.28
CA ALA B 214 1.23 -24.53 -32.05
C ALA B 214 2.65 -25.10 -32.08
N ILE B 215 2.90 -26.08 -31.21
CA ILE B 215 4.20 -26.73 -31.18
C ILE B 215 4.57 -27.25 -32.55
N SER B 216 3.60 -27.80 -33.28
CA SER B 216 3.89 -28.37 -34.59
C SER B 216 4.50 -27.33 -35.53
N ALA B 217 4.02 -26.09 -35.47
CA ALA B 217 4.50 -25.10 -36.43
C ALA B 217 5.72 -24.31 -35.97
N LEU B 218 5.88 -24.07 -34.66
CA LEU B 218 6.90 -23.16 -34.17
C LEU B 218 8.02 -23.82 -33.40
N GLY B 219 7.75 -24.99 -32.81
CA GLY B 219 8.66 -25.63 -31.88
C GLY B 219 8.24 -25.43 -30.45
N GLU B 220 8.63 -26.37 -29.59
CA GLU B 220 8.15 -26.34 -28.21
C GLU B 220 8.57 -25.06 -27.50
N ASP B 221 9.79 -24.59 -27.79
CA ASP B 221 10.28 -23.39 -27.13
C ASP B 221 9.52 -22.14 -27.54
N LYS B 222 9.37 -21.90 -28.84
CA LYS B 222 8.58 -20.73 -29.24
C LYS B 222 7.14 -20.92 -28.83
N ALA B 223 6.62 -22.15 -28.91
CA ALA B 223 5.19 -22.39 -28.70
C ALA B 223 4.78 -22.07 -27.28
N ARG B 224 5.69 -22.24 -26.33
CA ARG B 224 5.35 -22.14 -24.93
C ARG B 224 5.72 -20.80 -24.32
N THR B 225 6.27 -19.88 -25.11
CA THR B 225 6.59 -18.55 -24.65
C THR B 225 5.85 -17.52 -25.48
N LEU B 226 5.86 -16.27 -24.99
CA LEU B 226 5.35 -15.13 -25.71
C LEU B 226 6.38 -14.67 -26.74
N ASN B 227 5.93 -14.46 -27.98
CA ASN B 227 6.83 -13.97 -29.01
C ASN B 227 6.10 -12.96 -29.87
N MET B 228 6.80 -11.88 -30.23
CA MET B 228 6.39 -11.01 -31.29
C MET B 228 7.19 -11.35 -32.54
N HIS B 229 6.49 -11.62 -33.63
CA HIS B 229 7.12 -11.86 -34.93
C HIS B 229 7.01 -10.58 -35.75
N VAL B 230 8.15 -10.01 -36.08
CA VAL B 230 8.21 -8.73 -36.77
C VAL B 230 8.32 -8.96 -38.26
N GLY B 231 7.93 -7.95 -39.00
CA GLY B 231 8.09 -7.92 -40.41
C GLY B 231 7.41 -6.70 -40.99
N PRO B 232 7.40 -6.64 -42.32
CA PRO B 232 6.98 -5.43 -43.04
C PRO B 232 5.50 -5.19 -42.91
N ASN B 233 5.15 -4.03 -42.37
CA ASN B 233 3.78 -3.51 -42.36
C ASN B 233 2.80 -4.40 -41.59
N ALA B 234 3.31 -5.31 -40.78
CA ALA B 234 2.44 -6.16 -40.00
C ALA B 234 3.32 -6.83 -38.96
N HIS B 235 2.67 -7.39 -37.95
CA HIS B 235 3.38 -8.22 -37.01
C HIS B 235 2.36 -9.12 -36.36
N LEU B 236 2.87 -10.15 -35.71
CA LEU B 236 2.04 -11.13 -35.07
C LEU B 236 2.62 -11.42 -33.70
N ILE B 237 1.75 -11.59 -32.70
CA ILE B 237 2.12 -11.99 -31.35
C ILE B 237 1.31 -13.20 -30.90
N HIS B 238 1.92 -14.01 -30.04
CA HIS B 238 1.25 -15.20 -29.53
C HIS B 238 1.82 -15.62 -28.19
N TYR B 239 0.95 -16.18 -27.36
CA TYR B 239 1.40 -16.65 -26.05
C TYR B 239 0.52 -17.81 -25.62
N PRO B 240 1.00 -18.67 -24.74
CA PRO B 240 0.19 -19.80 -24.29
C PRO B 240 -0.83 -19.34 -23.27
N VAL B 241 -1.92 -20.10 -23.18
CA VAL B 241 -3.08 -19.72 -22.39
C VAL B 241 -3.78 -20.98 -21.93
N ALA B 242 -4.65 -20.82 -20.94
CA ALA B 242 -5.36 -21.94 -20.37
C ALA B 242 -4.37 -23.06 -20.07
N ASN B 243 -3.38 -22.69 -19.27
CA ASN B 243 -2.38 -23.62 -18.78
C ASN B 243 -1.77 -24.40 -19.93
N GLU B 244 -1.08 -23.65 -20.78
CA GLU B 244 -0.28 -24.18 -21.87
C GLU B 244 -0.96 -25.29 -22.66
N THR B 245 -2.29 -25.27 -22.75
CA THR B 245 -3.00 -26.14 -23.70
C THR B 245 -3.30 -25.43 -25.00
N MET B 246 -3.58 -24.13 -24.95
CA MET B 246 -3.92 -23.33 -26.12
C MET B 246 -2.89 -22.22 -26.29
N VAL B 247 -2.77 -21.72 -27.51
CA VAL B 247 -1.95 -20.54 -27.78
C VAL B 247 -2.86 -19.50 -28.40
N ASN B 248 -2.80 -18.29 -27.89
CA ASN B 248 -3.55 -17.19 -28.44
C ASN B 248 -2.75 -16.50 -29.54
N ILE B 249 -3.44 -16.08 -30.60
CA ILE B 249 -2.84 -15.42 -31.73
C ILE B 249 -3.50 -14.07 -31.87
N ALA B 250 -2.69 -13.03 -31.95
CA ALA B 250 -3.14 -11.73 -32.44
C ALA B 250 -2.22 -11.32 -33.59
N ALA B 251 -2.81 -10.97 -34.71
CA ALA B 251 -2.07 -10.70 -35.93
C ALA B 251 -2.49 -9.34 -36.44
N PHE B 252 -1.54 -8.42 -36.52
CA PHE B 252 -1.82 -7.03 -36.77
C PHE B 252 -1.38 -6.66 -38.15
N VAL B 253 -2.23 -5.94 -38.88
CA VAL B 253 -1.95 -5.61 -40.26
C VAL B 253 -2.36 -4.17 -40.50
N SER B 254 -1.86 -3.64 -41.63
CA SER B 254 -2.10 -2.25 -42.01
C SER B 254 -3.28 -2.13 -42.96
N ASP B 255 -3.87 -0.94 -42.96
CA ASP B 255 -5.16 -0.67 -43.57
C ASP B 255 -5.16 0.79 -43.97
N PRO B 256 -4.80 1.09 -45.23
CA PRO B 256 -4.76 2.49 -45.65
C PRO B 256 -6.13 3.14 -45.72
N GLU B 257 -7.19 2.38 -45.56
CA GLU B 257 -8.55 2.90 -45.65
C GLU B 257 -9.05 3.33 -44.27
N GLU B 258 -9.91 4.34 -44.26
CA GLU B 258 -10.63 4.70 -43.05
C GLU B 258 -11.57 3.58 -42.63
N TRP B 259 -11.95 3.60 -41.39
CA TRP B 259 -12.88 2.59 -40.93
C TRP B 259 -14.29 3.10 -41.12
N PRO B 260 -15.17 2.33 -41.72
CA PRO B 260 -16.51 2.85 -42.04
C PRO B 260 -17.15 3.56 -40.84
N LYS B 262 -20.05 4.03 -39.09
CA LYS B 262 -20.22 3.52 -37.74
C LYS B 262 -19.92 2.02 -37.61
N LEU B 263 -19.47 1.38 -38.69
CA LEU B 263 -19.16 -0.05 -38.64
C LEU B 263 -18.54 -0.37 -37.29
N SER B 264 -18.90 -1.52 -36.73
CA SER B 264 -18.48 -1.84 -35.37
C SER B 264 -17.01 -2.26 -35.34
N LEU B 265 -16.31 -1.82 -34.30
CA LEU B 265 -14.87 -2.05 -34.19
C LEU B 265 -14.53 -3.54 -34.24
N VAL B 266 -15.37 -4.40 -33.71
CA VAL B 266 -15.14 -5.83 -33.79
C VAL B 266 -16.17 -6.42 -34.74
N GLY B 267 -15.79 -7.53 -35.40
CA GLY B 267 -16.47 -8.03 -36.57
C GLY B 267 -15.96 -9.40 -37.00
N PRO B 268 -16.74 -10.13 -37.77
CA PRO B 268 -16.32 -11.49 -38.12
C PRO B 268 -15.33 -11.47 -39.26
N ALA B 269 -14.43 -12.44 -39.23
CA ALA B 269 -13.42 -12.61 -40.27
C ALA B 269 -13.06 -14.09 -40.39
N THR B 270 -12.24 -14.40 -41.37
CA THR B 270 -11.88 -15.76 -41.73
C THR B 270 -10.36 -15.95 -41.70
N ARG B 271 -9.93 -17.17 -41.42
CA ARG B 271 -8.50 -17.43 -41.43
C ARG B 271 -7.89 -17.09 -42.79
N GLU B 272 -8.60 -17.35 -43.87
CA GLU B 272 -8.00 -17.12 -45.18
C GLU B 272 -7.78 -15.64 -45.45
N GLU B 273 -8.59 -14.78 -44.85
CA GLU B 273 -8.28 -13.36 -44.94
C GLU B 273 -6.97 -13.05 -44.22
N ALA B 274 -6.80 -13.53 -43.00
CA ALA B 274 -5.56 -13.25 -42.30
C ALA B 274 -4.37 -13.85 -43.05
N MET B 275 -4.54 -15.02 -43.66
CA MET B 275 -3.38 -15.65 -44.29
C MET B 275 -2.89 -14.85 -45.50
N GLY B 276 -3.78 -14.11 -46.15
CA GLY B 276 -3.35 -13.33 -47.30
C GLY B 276 -2.36 -12.24 -46.95
N TYR B 277 -2.55 -11.60 -45.81
CA TYR B 277 -1.62 -10.55 -45.36
C TYR B 277 -0.24 -11.13 -45.03
N PHE B 278 -0.16 -12.40 -44.67
CA PHE B 278 1.11 -13.00 -44.28
C PHE B 278 1.63 -13.99 -45.32
N ALA B 279 1.24 -13.80 -46.57
CA ALA B 279 1.52 -14.79 -47.62
C ALA B 279 3.02 -14.96 -47.86
N ASN B 280 3.80 -13.88 -47.76
CA ASN B 280 5.24 -13.95 -47.95
C ASN B 280 6.02 -14.32 -46.70
N TRP B 281 5.35 -14.44 -45.57
CA TRP B 281 6.08 -14.58 -44.34
C TRP B 281 6.57 -16.00 -44.22
N ASN B 282 7.24 -16.27 -43.13
CA ASN B 282 7.92 -17.52 -43.11
C ASN B 282 6.92 -18.63 -42.81
N PRO B 283 7.34 -19.88 -43.08
CA PRO B 283 6.37 -20.98 -43.11
C PRO B 283 5.82 -21.34 -41.75
N GLY B 284 6.70 -21.40 -40.75
CA GLY B 284 6.19 -21.61 -39.41
C GLY B 284 5.06 -20.67 -39.10
N LEU B 285 5.22 -19.40 -39.49
CA LEU B 285 4.25 -18.41 -39.07
C LEU B 285 2.97 -18.56 -39.86
N ARG B 286 3.09 -18.77 -41.18
CA ARG B 286 1.90 -19.02 -42.00
C ARG B 286 1.13 -20.24 -41.50
N ALA B 287 1.83 -21.25 -40.95
CA ALA B 287 1.15 -22.41 -40.38
C ALA B 287 0.26 -22.04 -39.20
N VAL B 288 0.82 -21.41 -38.16
CA VAL B 288 0.05 -20.92 -37.02
C VAL B 288 -1.28 -20.37 -37.48
N LEU B 289 -1.23 -19.54 -38.51
CA LEU B 289 -2.45 -18.96 -39.05
C LEU B 289 -3.39 -20.03 -39.58
N GLY B 290 -2.88 -20.93 -40.43
CA GLY B 290 -3.69 -21.98 -40.99
C GLY B 290 -4.30 -22.91 -39.97
N PHE B 291 -3.72 -23.02 -38.77
CA PHE B 291 -4.30 -23.87 -37.73
C PHE B 291 -5.42 -23.18 -36.94
N MET B 292 -5.82 -22.00 -37.33
CA MET B 292 -6.87 -21.35 -36.58
C MET B 292 -8.23 -21.85 -37.01
N PRO B 293 -9.25 -21.68 -36.18
CA PRO B 293 -10.62 -21.83 -36.67
C PRO B 293 -10.84 -21.16 -38.02
N GLU B 294 -11.71 -21.72 -38.84
CA GLU B 294 -12.08 -21.07 -40.09
C GLU B 294 -12.66 -19.68 -39.87
N ASN B 295 -13.27 -19.41 -38.71
CA ASN B 295 -13.94 -18.15 -38.40
C ASN B 295 -13.33 -17.51 -37.15
N ILE B 296 -12.97 -16.22 -37.26
CA ILE B 296 -12.25 -15.47 -36.23
C ILE B 296 -12.71 -14.01 -36.23
N ASP B 297 -12.10 -13.22 -35.35
CA ASP B 297 -12.47 -11.81 -35.20
C ASP B 297 -11.49 -10.89 -35.90
N ARG B 298 -11.97 -9.70 -36.18
CA ARG B 298 -11.22 -8.59 -36.76
C ARG B 298 -11.50 -7.42 -35.83
N TRP B 299 -10.49 -6.98 -35.08
N TRP B 299 -10.48 -6.98 -35.07
CA TRP B 299 -10.66 -5.86 -34.16
CA TRP B 299 -10.62 -5.86 -34.12
C TRP B 299 -9.95 -4.64 -34.73
C TRP B 299 -9.93 -4.63 -34.68
N ALA B 300 -10.68 -3.55 -34.89
CA ALA B 300 -10.08 -2.26 -35.26
C ALA B 300 -9.44 -1.63 -34.03
N MET B 301 -8.26 -1.00 -34.23
CA MET B 301 -7.50 -0.36 -33.15
C MET B 301 -7.69 1.15 -33.25
N PHE B 302 -8.55 1.69 -32.39
CA PHE B 302 -8.69 3.12 -32.22
C PHE B 302 -7.90 3.55 -31.00
N ASP B 303 -7.68 4.86 -30.87
CA ASP B 303 -6.94 5.40 -29.73
C ASP B 303 -7.11 6.92 -29.69
N THR B 304 -6.44 7.59 -28.74
CA THR B 304 -6.51 9.04 -28.55
C THR B 304 -5.28 9.77 -29.10
N TYR B 305 -4.53 9.12 -29.97
CA TYR B 305 -3.27 9.69 -30.45
C TYR B 305 -3.46 10.97 -31.24
N ASP B 306 -4.44 11.01 -32.15
CA ASP B 306 -4.57 12.15 -33.04
C ASP B 306 -5.05 13.38 -32.28
N TYR B 307 -5.97 13.22 -31.34
CA TYR B 307 -6.59 14.35 -30.64
C TYR B 307 -6.56 14.02 -29.16
N PRO B 308 -5.40 14.19 -28.52
CA PRO B 308 -5.29 13.90 -27.09
C PRO B 308 -5.95 14.97 -26.24
N ALA B 309 -6.45 14.56 -25.09
CA ALA B 309 -7.21 15.45 -24.26
C ALA B 309 -6.36 16.67 -23.92
N PRO B 310 -6.93 17.88 -24.01
CA PRO B 310 -6.17 19.04 -23.54
C PRO B 310 -6.07 19.11 -22.04
N PHE B 311 -7.03 18.52 -21.37
CA PHE B 311 -6.99 18.37 -19.92
C PHE B 311 -7.72 17.08 -19.60
N PHE B 312 -7.28 16.42 -18.54
CA PHE B 312 -7.98 15.25 -18.00
C PHE B 312 -9.04 15.66 -16.98
N SER B 313 -9.11 16.91 -16.63
CA SER B 313 -9.98 17.32 -15.53
C SER B 313 -10.39 18.77 -15.73
N ARG B 314 -11.60 19.07 -15.26
CA ARG B 314 -12.11 20.43 -15.19
C ARG B 314 -13.11 20.46 -14.06
N GLY B 315 -12.96 21.44 -13.16
CA GLY B 315 -13.92 21.57 -12.08
C GLY B 315 -13.89 20.34 -11.22
N LYS B 316 -15.06 19.68 -11.11
CA LYS B 316 -15.24 18.47 -10.30
C LYS B 316 -15.45 17.22 -11.15
N ILE B 317 -14.85 17.18 -12.34
CA ILE B 317 -14.95 16.07 -13.28
C ILE B 317 -13.55 15.66 -13.72
N CYS B 318 -13.25 14.38 -13.63
CA CYS B 318 -11.91 13.88 -13.95
C CYS B 318 -12.04 12.64 -14.81
N LEU B 319 -11.30 12.57 -15.91
CA LEU B 319 -11.21 11.33 -16.70
C LEU B 319 -10.07 10.44 -16.18
N VAL B 320 -10.26 9.13 -16.36
CA VAL B 320 -9.25 8.14 -15.99
C VAL B 320 -9.34 6.95 -16.94
N GLY B 321 -8.24 6.20 -17.01
CA GLY B 321 -8.14 5.01 -17.83
C GLY B 321 -8.28 5.38 -19.30
N ASP B 322 -8.91 4.49 -20.06
CA ASP B 322 -9.07 4.70 -21.51
C ASP B 322 -9.91 5.92 -21.86
N ALA B 323 -10.79 6.37 -20.96
CA ALA B 323 -11.54 7.60 -21.20
C ALA B 323 -10.60 8.77 -21.41
N ALA B 324 -9.51 8.79 -20.66
CA ALA B 324 -8.54 9.87 -20.77
C ALA B 324 -7.49 9.62 -21.87
N HIS B 325 -7.01 8.38 -21.98
CA HIS B 325 -5.80 8.12 -22.74
C HIS B 325 -5.85 6.73 -23.37
N ALA B 326 -6.93 6.40 -24.02
CA ALA B 326 -7.01 5.09 -24.64
C ALA B 326 -5.88 4.92 -25.64
N ALA B 327 -5.24 3.77 -25.61
CA ALA B 327 -4.07 3.54 -26.44
C ALA B 327 -4.18 2.27 -27.30
N VAL B 328 -3.51 2.27 -28.44
CA VAL B 328 -3.33 1.01 -29.14
C VAL B 328 -2.58 0.06 -28.19
N PRO B 329 -2.75 -1.23 -28.36
CA PRO B 329 -2.29 -2.16 -27.32
C PRO B 329 -0.89 -2.72 -27.47
N HIS B 330 0.04 -2.02 -28.09
CA HIS B 330 1.27 -2.69 -28.49
C HIS B 330 2.40 -2.64 -27.44
N HIS B 331 2.23 -1.92 -26.32
CA HIS B 331 3.03 -2.17 -25.12
C HIS B 331 2.37 -3.15 -24.17
N GLY B 332 1.11 -3.51 -24.42
CA GLY B 332 0.40 -4.38 -23.51
C GLY B 332 0.23 -3.84 -22.11
N ALA B 333 0.33 -2.52 -21.93
CA ALA B 333 0.30 -1.95 -20.60
C ALA B 333 -0.77 -0.88 -20.42
N GLY B 334 -1.66 -0.71 -21.38
CA GLY B 334 -2.57 0.42 -21.33
C GLY B 334 -3.34 0.48 -20.03
N ALA B 335 -3.74 -0.66 -19.50
CA ALA B 335 -4.46 -0.69 -18.25
C ALA B 335 -3.56 -0.44 -17.03
N CYS B 336 -2.24 -0.68 -17.16
CA CYS B 336 -1.30 -0.23 -16.15
C CYS B 336 -1.33 1.29 -15.99
N ILE B 337 -1.37 2.04 -17.10
CA ILE B 337 -1.44 3.50 -17.01
C ILE B 337 -2.71 3.88 -16.28
N GLY B 338 -3.81 3.14 -16.50
CA GLY B 338 -5.04 3.45 -15.79
C GLY B 338 -5.02 3.08 -14.32
N ILE B 339 -4.26 2.05 -13.96
CA ILE B 339 -4.18 1.70 -12.54
C ILE B 339 -3.43 2.77 -11.78
N GLU B 340 -2.34 3.30 -12.36
CA GLU B 340 -1.69 4.49 -11.80
C GLU B 340 -2.67 5.65 -11.64
N ASP B 341 -3.54 5.86 -12.64
CA ASP B 341 -4.51 6.91 -12.53
C ASP B 341 -5.34 6.70 -11.31
N ALA B 342 -5.84 5.47 -11.17
CA ALA B 342 -6.71 5.10 -10.06
C ALA B 342 -6.04 5.38 -8.72
N LEU B 343 -4.76 5.08 -8.61
CA LEU B 343 -4.04 5.28 -7.37
C LEU B 343 -3.85 6.76 -7.09
N CYS B 344 -3.52 7.53 -8.12
CA CYS B 344 -3.33 8.96 -7.96
C CYS B 344 -4.64 9.62 -7.52
N ALA B 345 -5.76 9.20 -8.10
CA ALA B 345 -7.05 9.79 -7.78
C ALA B 345 -7.53 9.36 -6.40
N THR B 346 -7.23 8.11 -6.03
CA THR B 346 -7.62 7.61 -4.73
C THR B 346 -6.88 8.36 -3.61
N VAL B 347 -5.56 8.44 -3.73
CA VAL B 347 -4.75 9.14 -2.75
C VAL B 347 -5.11 10.62 -2.71
N LEU B 348 -5.39 11.22 -3.85
N LEU B 348 -5.45 11.19 -3.85
CA LEU B 348 -5.69 12.64 -3.80
CA LEU B 348 -5.69 12.63 -3.94
C LEU B 348 -6.99 12.87 -3.03
C LEU B 348 -7.09 13.02 -3.47
N LEU B 349 -8.00 12.06 -3.32
CA LEU B 349 -9.33 12.28 -2.74
C LEU B 349 -9.37 11.85 -1.30
N ALA B 350 -8.51 10.90 -0.92
CA ALA B 350 -8.30 10.62 0.49
C ALA B 350 -7.74 11.84 1.22
N GLU B 351 -6.74 12.50 0.63
CA GLU B 351 -6.23 13.71 1.25
C GLU B 351 -7.31 14.79 1.33
N VAL B 352 -8.20 14.87 0.36
CA VAL B 352 -9.31 15.82 0.45
C VAL B 352 -10.16 15.51 1.67
N PHE B 353 -10.55 14.23 1.81
CA PHE B 353 -11.40 13.77 2.91
C PHE B 353 -10.83 14.15 4.28
N VAL B 354 -9.53 13.94 4.46
CA VAL B 354 -8.94 14.10 5.76
C VAL B 354 -8.57 15.55 6.03
N SER B 355 -8.16 16.31 5.01
CA SER B 355 -7.69 17.67 5.23
C SER B 355 -8.83 18.67 5.29
N THR B 356 -10.03 18.33 4.83
CA THR B 356 -11.17 19.25 4.90
C THR B 356 -12.26 18.72 5.83
N ARG B 357 -11.94 17.78 6.70
CA ARG B 357 -12.99 17.01 7.38
C ARG B 357 -13.96 17.95 8.10
N GLY B 358 -13.43 18.87 8.91
CA GLY B 358 -14.30 19.76 9.65
C GLY B 358 -14.73 21.05 8.97
N LYS B 359 -14.31 21.25 7.72
CA LYS B 359 -14.49 22.54 7.07
C LYS B 359 -15.85 22.60 6.40
N SER B 360 -16.14 23.77 5.81
CA SER B 360 -17.44 24.07 5.25
C SER B 360 -17.63 23.37 3.91
N SER B 361 -18.82 23.50 3.36
CA SER B 361 -19.06 22.95 2.03
C SER B 361 -18.20 23.62 0.98
N ILE B 362 -17.77 24.87 1.23
CA ILE B 362 -17.00 25.57 0.21
C ILE B 362 -15.58 25.02 0.14
N VAL B 363 -14.90 24.92 1.27
CA VAL B 363 -13.56 24.36 1.25
C VAL B 363 -13.57 22.95 0.68
N ARG B 364 -14.60 22.14 1.03
CA ARG B 364 -14.60 20.74 0.62
C ARG B 364 -14.72 20.62 -0.89
N ASN B 365 -15.52 21.49 -1.48
CA ASN B 365 -15.69 21.43 -2.92
C ASN B 365 -14.53 22.08 -3.64
N ARG B 366 -13.96 23.15 -3.08
CA ARG B 366 -12.75 23.70 -3.63
C ARG B 366 -11.64 22.65 -3.60
N ALA B 367 -11.57 21.88 -2.52
CA ALA B 367 -10.51 20.89 -2.41
C ALA B 367 -10.68 19.81 -3.48
N ILE B 368 -11.90 19.41 -3.78
CA ILE B 368 -12.11 18.48 -4.87
C ILE B 368 -11.51 19.02 -6.16
N ALA B 369 -11.84 20.27 -6.49
CA ALA B 369 -11.33 20.85 -7.70
C ALA B 369 -9.81 20.98 -7.65
N ALA B 370 -9.30 21.34 -6.49
CA ALA B 370 -7.86 21.45 -6.36
C ALA B 370 -7.19 20.07 -6.55
N ALA B 371 -7.84 19.01 -6.09
CA ALA B 371 -7.29 17.68 -6.28
C ALA B 371 -7.35 17.24 -7.74
N PHE B 372 -8.47 17.50 -8.41
CA PHE B 372 -8.57 17.14 -9.83
C PHE B 372 -7.61 17.96 -10.67
N GLY B 373 -7.34 19.22 -10.27
CA GLY B 373 -6.28 20.00 -10.91
C GLY B 373 -4.92 19.37 -10.72
N SER B 374 -4.64 18.86 -9.52
CA SER B 374 -3.34 18.21 -9.33
C SER B 374 -3.23 16.95 -10.18
N PHE B 375 -4.29 16.15 -10.21
CA PHE B 375 -4.34 14.95 -11.03
C PHE B 375 -3.89 15.18 -12.46
N ASN B 376 -4.59 16.10 -13.13
CA ASN B 376 -4.24 16.52 -14.47
C ASN B 376 -2.78 16.94 -14.61
N ALA B 377 -2.29 17.73 -13.67
CA ALA B 377 -0.92 18.24 -13.72
C ALA B 377 0.11 17.11 -13.65
N VAL B 378 -0.18 16.05 -12.93
CA VAL B 378 0.81 15.03 -12.68
C VAL B 378 0.67 13.84 -13.61
N ARG B 379 -0.51 13.61 -14.17
CA ARG B 379 -0.75 12.40 -14.94
C ARG B 379 -0.71 12.60 -16.46
N ARG B 380 -0.99 13.80 -16.96
CA ARG B 380 -1.27 13.92 -18.40
C ARG B 380 -0.03 13.65 -19.24
N VAL B 381 1.13 14.16 -18.83
CA VAL B 381 2.28 14.06 -19.73
C VAL B 381 2.64 12.59 -19.93
N ARG B 382 2.65 11.81 -18.85
CA ARG B 382 3.05 10.41 -18.96
C ARG B 382 1.99 9.62 -19.70
N ALA B 383 0.73 9.91 -19.44
CA ALA B 383 -0.34 9.16 -20.09
C ALA B 383 -0.31 9.35 -21.60
N GLN B 384 -0.11 10.59 -22.04
CA GLN B 384 -0.18 10.92 -23.45
C GLN B 384 1.13 10.55 -24.14
N TRP B 385 2.25 10.62 -23.42
CA TRP B 385 3.47 10.02 -23.93
C TRP B 385 3.24 8.54 -24.24
N PHE B 386 2.53 7.85 -23.36
CA PHE B 386 2.32 6.41 -23.52
C PHE B 386 1.45 6.09 -24.72
N VAL B 387 0.49 6.97 -25.03
CA VAL B 387 -0.38 6.73 -26.16
C VAL B 387 0.43 6.75 -27.45
N ASP B 388 1.26 7.80 -27.61
CA ASP B 388 2.19 7.92 -28.74
C ASP B 388 3.17 6.76 -28.76
N SER B 389 3.68 6.37 -27.59
CA SER B 389 4.69 5.33 -27.54
C SER B 389 4.13 4.05 -28.10
N SER B 390 2.85 3.79 -27.83
CA SER B 390 2.19 2.55 -28.21
C SER B 390 2.10 2.44 -29.73
N ARG B 391 1.95 3.58 -30.40
CA ARG B 391 1.98 3.61 -31.84
C ARG B 391 3.41 3.49 -32.32
N ARG B 392 4.30 4.25 -31.71
CA ARG B 392 5.69 4.24 -32.12
C ARG B 392 6.26 2.82 -32.14
N VAL B 393 6.00 2.01 -31.11
CA VAL B 393 6.65 0.70 -31.08
C VAL B 393 6.01 -0.24 -32.09
N CYS B 394 4.70 -0.09 -32.36
CA CYS B 394 4.10 -0.80 -33.47
C CYS B 394 4.83 -0.52 -34.78
N ASP B 395 5.13 0.76 -35.04
CA ASP B 395 5.87 1.11 -36.23
C ASP B 395 7.18 0.35 -36.33
N LEU B 396 7.84 0.15 -35.19
CA LEU B 396 9.16 -0.47 -35.25
C LEU B 396 9.04 -1.96 -35.44
N TYR B 397 7.97 -2.56 -34.90
CA TYR B 397 7.67 -3.98 -35.14
C TYR B 397 7.28 -4.26 -36.59
N GLN B 398 6.84 -3.22 -37.34
CA GLN B 398 6.35 -3.29 -38.72
C GLN B 398 7.24 -2.50 -39.69
N GLN B 399 8.50 -2.31 -39.37
CA GLN B 399 9.32 -1.56 -40.31
C GLN B 399 9.32 -2.25 -41.68
N PRO B 400 9.08 -1.52 -42.77
CA PRO B 400 9.18 -2.14 -44.11
C PRO B 400 10.52 -2.79 -44.38
N GLU B 401 11.58 -2.23 -43.83
CA GLU B 401 12.92 -2.80 -43.96
C GLU B 401 13.10 -4.16 -43.28
N TRP B 402 12.13 -4.69 -42.57
CA TRP B 402 12.31 -6.09 -42.18
C TRP B 402 12.31 -6.98 -43.42
N ALA B 403 11.76 -6.47 -44.55
CA ALA B 403 11.68 -7.22 -45.79
C ALA B 403 13.05 -7.38 -46.44
N ASP B 404 13.83 -6.30 -46.47
CA ASP B 404 15.09 -6.28 -47.18
C ASP B 404 16.24 -6.76 -46.30
N PRO B 405 16.85 -7.92 -46.57
CA PRO B 405 17.88 -8.42 -45.65
C PRO B 405 19.14 -7.59 -45.66
N GLN B 406 19.33 -6.71 -46.64
CA GLN B 406 20.46 -5.80 -46.65
C GLN B 406 20.25 -4.55 -45.80
N LYS B 407 19.03 -4.34 -45.26
CA LYS B 407 18.79 -3.29 -44.29
C LYS B 407 18.56 -3.83 -42.88
N ARG B 408 19.22 -4.95 -42.58
CA ARG B 408 18.93 -5.69 -41.35
CA ARG B 408 18.90 -5.67 -41.35
C ARG B 408 19.46 -4.96 -40.12
N ILE B 409 20.65 -4.37 -40.23
CA ILE B 409 21.23 -3.65 -39.12
C ILE B 409 20.38 -2.45 -38.75
N LYS B 410 19.88 -1.74 -39.76
CA LYS B 410 19.01 -0.61 -39.50
C LYS B 410 17.78 -1.08 -38.75
N ALA B 411 17.17 -2.15 -39.21
CA ALA B 411 15.89 -2.55 -38.66
C ALA B 411 16.06 -3.04 -37.22
N GLU B 412 17.08 -3.86 -36.99
CA GLU B 412 17.44 -4.31 -35.64
C GLU B 412 17.90 -3.18 -34.71
N ASN B 413 18.25 -2.02 -35.23
CA ASN B 413 18.74 -1.00 -34.34
C ASN B 413 17.60 -0.43 -33.48
N CYS B 414 16.35 -0.69 -33.87
CA CYS B 414 15.17 -0.23 -33.15
C CYS B 414 15.07 -0.74 -31.70
N PHE B 415 15.77 -1.80 -31.35
CA PHE B 415 15.41 -2.44 -30.09
C PHE B 415 15.89 -1.64 -28.88
N GLU B 416 16.97 -0.90 -29.00
CA GLU B 416 17.38 -0.02 -27.92
C GLU B 416 16.24 0.91 -27.52
N GLU B 417 15.56 1.51 -28.51
CA GLU B 417 14.49 2.42 -28.18
C GLU B 417 13.32 1.65 -27.57
N ILE B 418 12.99 0.48 -28.11
CA ILE B 418 11.95 -0.36 -27.49
C ILE B 418 12.26 -0.64 -26.03
N LYS B 419 13.51 -0.91 -25.74
CA LYS B 419 13.93 -1.19 -24.38
C LYS B 419 13.77 0.04 -23.50
N ASP B 420 14.25 1.18 -23.99
CA ASP B 420 14.08 2.42 -23.26
C ASP B 420 12.61 2.67 -22.95
N ARG B 421 11.75 2.46 -23.93
CA ARG B 421 10.35 2.77 -23.73
C ARG B 421 9.73 1.78 -22.79
N SER B 422 10.04 0.48 -22.98
CA SER B 422 9.54 -0.52 -22.05
C SER B 422 9.92 -0.18 -20.61
N HIS B 423 11.20 0.13 -20.35
CA HIS B 423 11.62 0.40 -18.99
C HIS B 423 11.01 1.67 -18.44
N LYS B 424 10.77 2.67 -19.27
CA LYS B 424 10.09 3.84 -18.77
C LYS B 424 8.68 3.48 -18.27
N ILE B 425 8.01 2.49 -18.90
CA ILE B 425 6.69 2.05 -18.42
C ILE B 425 6.82 1.24 -17.12
N TRP B 426 7.72 0.28 -17.13
CA TRP B 426 7.75 -0.72 -16.11
C TRP B 426 8.31 -0.19 -14.79
N HIS B 427 9.19 0.81 -14.85
CA HIS B 427 9.93 1.30 -13.70
C HIS B 427 9.35 2.61 -13.18
N PHE B 428 8.08 2.81 -13.35
CA PHE B 428 7.49 4.11 -13.03
C PHE B 428 7.63 4.38 -11.54
N ASP B 429 8.02 5.59 -11.18
CA ASP B 429 8.18 5.99 -9.77
C ASP B 429 6.85 6.55 -9.30
N TYR B 430 6.00 5.66 -8.80
CA TYR B 430 4.68 6.06 -8.35
C TYR B 430 4.68 6.70 -6.97
N ASN B 431 5.71 6.46 -6.16
CA ASN B 431 5.77 7.16 -4.87
C ASN B 431 6.02 8.64 -5.10
N SER B 432 6.98 8.96 -5.97
CA SER B 432 7.17 10.33 -6.43
C SER B 432 5.90 10.94 -7.00
N MET B 433 5.18 10.20 -7.85
CA MET B 433 3.98 10.78 -8.43
C MET B 433 3.03 11.19 -7.32
N LEU B 434 2.83 10.31 -6.36
CA LEU B 434 1.93 10.60 -5.24
C LEU B 434 2.41 11.81 -4.45
N GLN B 435 3.73 11.92 -4.22
CA GLN B 435 4.26 13.05 -3.48
C GLN B 435 3.98 14.36 -4.23
N GLU B 436 4.46 14.45 -5.46
CA GLU B 436 4.15 15.56 -6.36
C GLU B 436 2.67 15.93 -6.34
N ALA B 437 1.79 14.93 -6.41
CA ALA B 437 0.35 15.17 -6.40
C ALA B 437 -0.14 15.78 -5.10
N ILE B 438 0.32 15.26 -3.96
CA ILE B 438 -0.09 15.84 -2.69
C ILE B 438 0.39 17.28 -2.62
N GLU B 439 1.67 17.52 -2.97
CA GLU B 439 2.24 18.87 -3.00
C GLU B 439 1.46 19.81 -3.89
N LYS B 440 1.16 19.39 -5.13
CA LYS B 440 0.38 20.25 -6.02
C LYS B 440 -1.02 20.53 -5.46
N TYR B 441 -1.64 19.52 -4.84
CA TYR B 441 -2.95 19.75 -4.20
C TYR B 441 -2.85 20.87 -3.17
N ARG B 442 -1.86 20.78 -2.28
CA ARG B 442 -1.71 21.79 -1.23
C ARG B 442 -1.37 23.16 -1.81
N HIS B 443 -0.52 23.22 -2.84
CA HIS B 443 -0.30 24.48 -3.51
C HIS B 443 -1.62 25.05 -4.03
N ASN B 444 -2.39 24.24 -4.74
CA ASN B 444 -3.60 24.74 -5.38
C ASN B 444 -4.62 25.22 -4.37
N MET B 445 -4.47 24.82 -3.11
CA MET B 445 -5.38 25.24 -2.06
C MET B 445 -4.94 26.56 -1.41
N GLY B 446 -3.92 27.22 -1.95
CA GLY B 446 -3.35 28.40 -1.34
C GLY B 446 -2.24 28.11 -0.36
N SER B 447 -2.04 26.84 -0.01
CA SER B 447 -1.04 26.41 0.98
C SER B 447 0.37 26.41 0.36
C4 KJY C . -1.68 14.43 17.47
C5 KJY C . 0.48 13.68 18.54
C6 KJY C . 1.82 13.84 18.88
C7 KJY C . 2.48 15.05 18.61
C8 KJY C . 3.93 15.24 18.92
C KJY C . 1.75 16.06 18.00
O KJY C . 2.46 17.22 17.80
C1 KJY C . 0.40 15.88 17.61
C2 KJY C . -0.32 17.03 16.99
C3 KJY C . -0.25 14.67 17.88
O1 KJY C . 0.19 18.14 16.81
O2 KJY C . 2.59 12.86 19.44
H2 KJY C . -1.86 13.41 17.12
H4 KJY C . -2.00 15.08 16.65
H3 KJY C . -2.39 14.60 18.28
H5 KJY C . -0.03 12.74 18.80
H9 KJY C . 4.41 14.28 19.14
H8 KJY C . 4.05 15.88 19.80
H7 KJY C . 4.45 15.69 18.08
H1 KJY C . 1.90 17.91 17.34
H KJY C . -1.35 16.87 16.68
H6 KJY C . 2.03 12.06 19.59
C4 KJY D . 2.39 11.13 -0.51
C5 KJY D . 0.79 9.44 0.38
C6 KJY D . 0.33 8.14 0.57
C7 KJY D . 1.10 7.03 0.15
C8 KJY D . 0.45 5.70 -0.10
C KJY D . 2.40 7.28 -0.33
O KJY D . 3.29 6.22 -0.48
C1 KJY D . 2.84 8.59 -0.55
C2 KJY D . 4.20 8.76 -1.13
C3 KJY D . 2.02 9.70 -0.22
O1 KJY D . 4.77 9.82 -1.36
O2 KJY D . -0.85 7.92 1.21
H2 KJY D . 2.51 11.73 0.39
H4 KJY D . 1.65 11.64 -1.12
H3 KJY D . 3.33 11.23 -1.05
H5 KJY D . 0.17 10.28 0.70
H9 KJY D . -0.41 5.80 -0.76
H8 KJY D . 0.12 5.26 0.85
H7 KJY D . 1.17 5.02 -0.56
H1 KJY D . 2.85 5.35 -0.25
H KJY D . 4.74 7.84 -1.37
H6 KJY D . -1.00 6.93 1.26
PA FAD E . 0.81 -5.33 23.62
O1A FAD E . 1.47 -5.34 24.93
O2A FAD E . 0.04 -4.07 23.22
O5B FAD E . -0.21 -6.47 23.39
C5B FAD E . 0.17 -7.86 23.49
C4B FAD E . -1.12 -8.63 23.63
O4B FAD E . -0.83 -10.05 23.81
C3B FAD E . -1.98 -8.21 24.84
O3B FAD E . -3.35 -7.99 24.53
C2B FAD E . -1.83 -9.39 25.81
O2B FAD E . -3.05 -9.65 26.49
C1B FAD E . -1.63 -10.55 24.84
N9A FAD E . -0.96 -11.70 25.45
C8A FAD E . 0.08 -11.71 26.34
N7A FAD E . 0.45 -12.92 26.70
C5A FAD E . -0.41 -13.76 26.01
C6A FAD E . -0.54 -15.15 25.96
N6A FAD E . 0.22 -16.01 26.65
N1A FAD E . -1.51 -15.66 25.17
C2A FAD E . -2.29 -14.83 24.48
N3A FAD E . -2.26 -13.50 24.46
C4A FAD E . -1.29 -13.02 25.24
N1 FAD E . 3.96 3.58 20.77
C2 FAD E . 3.62 4.40 19.73
O2 FAD E . 3.83 4.08 18.57
N3 FAD E . 3.04 5.61 19.99
C4 FAD E . 2.75 6.13 21.22
O4 FAD E . 2.22 7.24 21.29
C4X FAD E . 3.12 5.25 22.32
N5 FAD E . 2.90 5.65 23.56
C5X FAD E . 3.27 4.80 24.58
C6 FAD E . 3.06 5.19 25.91
C7 FAD E . 3.43 4.36 26.97
C7M FAD E . 3.19 4.83 28.39
C8 FAD E . 4.02 3.12 26.71
C8M FAD E . 4.43 2.19 27.82
C9 FAD E . 4.21 2.71 25.39
C9A FAD E . 3.85 3.55 24.34
N10 FAD E . 4.11 3.18 23.01
C10 FAD E . 3.72 3.98 21.98
C1' FAD E . 4.60 1.83 22.70
C2' FAD E . 3.41 0.87 22.48
O2' FAD E . 2.43 0.98 23.51
C3' FAD E . 3.88 -0.59 22.41
O3' FAD E . 5.09 -0.64 21.67
C4' FAD E . 2.81 -1.46 21.75
O4' FAD E . 1.59 -1.47 22.50
C5' FAD E . 3.22 -2.90 21.50
O5' FAD E . 2.08 -3.61 20.97
P FAD E . 2.03 -5.18 20.98
O1P FAD E . 0.69 -5.49 20.27
O2P FAD E . 3.34 -5.65 20.42
O3P FAD E . 1.91 -5.61 22.51
H51A FAD E . 0.62 -8.13 22.73
H52A FAD E . 0.71 -7.99 24.25
H4B FAD E . -1.64 -8.56 22.85
H3B FAD E . -1.58 -7.43 25.17
HO3A FAD E . -3.68 -8.69 24.22
H2B FAD E . -1.11 -9.24 26.38
HO2A FAD E . -3.69 -9.36 26.03
H1B FAD E . -2.45 -10.83 24.49
H8A FAD E . 0.49 -10.94 26.65
H61A FAD E . -0.14 -16.54 27.22
H62A FAD E . 1.08 -16.02 26.51
H2A FAD E . -2.94 -15.23 23.96
HN3 FAD E . 2.82 6.10 19.30
H6 FAD E . 2.67 6.04 25.93
HM71 FAD E . 3.17 5.76 28.41
HM72 FAD E . 2.38 4.49 28.70
HM73 FAD E . 3.90 4.52 28.94
HM81 FAD E . 4.43 1.30 27.50
HM82 FAD E . 3.81 2.27 28.53
HM83 FAD E . 5.28 2.41 28.12
H9 FAD E . 4.86 2.05 25.46
H1'1 FAD E . 5.12 1.52 23.43
H1'2 FAD E . 5.12 1.87 21.93
H2' FAD E . 3.04 1.11 21.65
HO2' FAD E . 2.32 0.24 23.88
H3' FAD E . 4.06 -0.93 23.27
HO3' FAD E . 5.67 -1.05 22.11
H4' FAD E . 2.66 -1.04 20.93
HO4' FAD E . 1.11 -2.09 22.24
H5'1 FAD E . 3.92 -2.93 20.89
H5'2 FAD E . 3.48 -3.29 22.31
CL CL F . 7.63 3.88 22.82
C4 KJY G . 2.73 -7.79 -22.30
C5 KJY G . 0.79 -8.28 -23.80
C6 KJY G . 0.08 -8.18 -24.98
C7 KJY G . 0.63 -7.56 -26.12
C8 KJY G . -0.16 -7.38 -27.39
C KJY G . 1.92 -7.06 -26.00
O KJY G . 2.43 -6.43 -27.12
C1 KJY G . 2.67 -7.13 -24.79
C2 KJY G . 4.01 -6.54 -24.71
C3 KJY G . 2.05 -7.75 -23.67
O1 KJY G . 4.57 -5.96 -25.62
O2 KJY G . -1.21 -8.61 -25.06
H2 KJY G . 2.04 -7.99 -21.49
H4 KJY G . 3.22 -6.85 -22.05
H3 KJY G . 3.50 -8.55 -22.24
H5 KJY G . 0.33 -8.78 -22.95
H9 KJY G . -1.18 -7.72 -27.24
H8 KJY G . 0.29 -7.97 -28.20
H7 KJY G . -0.16 -6.33 -27.67
H1 KJY G . 3.33 -6.06 -26.96
H KJY G . 4.53 -6.64 -23.77
H6 KJY G . -1.49 -8.97 -24.18
C1 GOL H . -4.82 21.79 2.24
O1 GOL H . -3.46 22.13 2.43
C2 GOL H . -5.66 22.79 3.05
O2 GOL H . -5.61 24.08 2.52
C3 GOL H . -7.09 22.25 3.11
O3 GOL H . -7.79 23.20 3.86
H11 GOL H . -5.01 20.89 2.55
H12 GOL H . -5.09 21.81 1.31
HO1 GOL H . -3.21 21.78 3.17
H2 GOL H . -5.29 22.85 3.94
HO2 GOL H . -5.93 24.61 3.09
H31 GOL H . -7.08 21.37 3.51
H32 GOL H . -7.42 22.13 2.21
HO3 GOL H . -7.84 22.91 4.65
PA FAD I . -13.03 -0.34 -20.29
PA FAD I . -13.21 0.04 -20.40
O1A FAD I . -13.35 -0.28 -21.72
O1A FAD I . -13.41 0.24 -21.86
O2A FAD I . -12.74 -1.75 -19.84
O2A FAD I . -12.46 -1.28 -20.19
O5B FAD I . -14.13 0.24 -19.30
O5B FAD I . -14.52 0.04 -19.55
C5B FAD I . -15.18 1.10 -19.76
C5B FAD I . -15.33 1.22 -19.43
C4B FAD I . -16.47 0.74 -19.05
C4B FAD I . -16.77 0.80 -19.21
O4B FAD I . -17.39 1.87 -19.07
O4B FAD I . -17.64 1.95 -19.29
C3B FAD I . -17.24 -0.44 -19.67
C3B FAD I . -17.30 -0.22 -20.23
O3B FAD I . -17.66 -1.33 -18.65
O3B FAD I . -17.82 -1.37 -19.57
C2B FAD I . -18.39 0.26 -20.42
C2B FAD I . -18.32 0.58 -21.03
O2B FAD I . -19.57 -0.52 -20.56
O2B FAD I . -19.43 -0.14 -21.53
C1B FAD I . -18.66 1.43 -19.49
C1B FAD I . -18.80 1.59 -19.99
N9A FAD I . -19.37 2.54 -20.11
N9A FAD I . -19.42 2.77 -20.57
C8A FAD I . -19.12 3.09 -21.34
C8A FAD I . -19.12 3.37 -21.77
N7A FAD I . -19.93 4.08 -21.65
N7A FAD I . -19.86 4.42 -22.05
C5A FAD I . -20.75 4.19 -20.54
C5A FAD I . -20.71 4.53 -20.95
C6A FAD I . -21.82 5.06 -20.23
C6A FAD I . -21.72 5.44 -20.63
N6A FAD I . -22.26 6.02 -21.05
N6A FAD I . -22.08 6.47 -21.41
N1A FAD I . -22.42 4.90 -19.03
N1A FAD I . -22.37 5.26 -19.46
C2A FAD I . -21.99 3.95 -18.20
C2A FAD I . -22.01 4.24 -18.66
N3A FAD I . -20.99 3.08 -18.39
N3A FAD I . -21.06 3.33 -18.87
C4A FAD I . -20.41 3.25 -19.58
C4A FAD I . -20.45 3.52 -20.04
N1 FAD I . -3.74 -3.56 -20.77
N1 FAD I . -6.73 -3.91 -24.03
C2 FAD I . -2.77 -4.10 -19.97
C2 FAD I . -5.48 -4.47 -24.02
O2 FAD I . -2.36 -3.52 -18.95
O2 FAD I . -4.55 -4.00 -23.34
N3 FAD I . -2.24 -5.35 -20.31
N3 FAD I . -5.22 -5.60 -24.77
C4 FAD I . -2.60 -6.12 -21.40
C4 FAD I . -6.12 -6.25 -25.58
O4 FAD I . -2.07 -7.19 -21.61
O4 FAD I . -5.77 -7.25 -26.20
C4X FAD I . -3.63 -5.51 -22.23
C4X FAD I . -7.45 -5.66 -25.60
N5 FAD I . -4.01 -6.16 -23.28
N5 FAD I . -8.39 -6.21 -26.35
C5X FAD I . -4.98 -5.60 -24.08
C5X FAD I . -9.65 -5.63 -26.36
C6 FAD I . -5.42 -6.28 -25.20
C6 FAD I . -10.65 -6.19 -27.15
C7 FAD I . -6.39 -5.75 -26.04
C7 FAD I . -11.92 -5.64 -27.19
C7M FAD I . -6.83 -6.54 -27.25
C7M FAD I . -12.98 -6.28 -28.04
C8 FAD I . -6.96 -4.51 -25.74
C8 FAD I . -12.21 -4.50 -26.44
C8M FAD I . -8.03 -3.89 -26.62
C8M FAD I . -13.58 -3.88 -26.45
C9 FAD I . -6.53 -3.81 -24.61
C9 FAD I . -11.22 -3.94 -25.64
C9A FAD I . -5.55 -4.35 -23.78
C9A FAD I . -9.95 -4.49 -25.60
N10 FAD I . -5.09 -3.66 -22.64
N10 FAD I . -8.92 -3.93 -24.80
C10 FAD I . -4.12 -4.23 -21.83
C10 FAD I . -7.66 -4.48 -24.79
C1' FAD I . -5.65 -2.38 -22.24
C1' FAD I . -9.16 -2.73 -24.00
C2' FAD I . -6.98 -2.55 -21.50
C2' FAD I . -9.11 -3.00 -22.50
O2' FAD I . -7.91 -3.33 -22.25
O2' FAD I . -10.16 -3.87 -22.07
C3' FAD I . -7.62 -1.18 -21.31
C3' FAD I . -9.21 -1.66 -21.77
O3' FAD I . -6.58 -0.20 -21.27
O3' FAD I . -8.25 -0.81 -22.38
C4' FAD I . -8.45 -1.10 -20.03
C4' FAD I . -8.93 -1.73 -20.27
O4' FAD I . -9.59 -1.94 -20.13
O4' FAD I . -9.85 -2.68 -19.72
C5' FAD I . -8.86 0.33 -19.75
C5' FAD I . -9.09 -0.39 -19.60
O5' FAD I . -9.67 0.33 -18.56
O5' FAD I . -10.47 -0.23 -19.21
P FAD I . -11.11 0.96 -18.56
P FAD I . -11.07 1.18 -18.85
O1P FAD I . -11.72 0.11 -17.44
O1P FAD I . -11.46 1.00 -17.38
O2P FAD I . -10.96 2.44 -18.47
O2P FAD I . -10.25 2.38 -19.05
O3P FAD I . -11.74 0.54 -19.98
O3P FAD I . -12.38 1.25 -19.79
H51A FAD I . -14.97 2.00 -19.59
H51A FAD I . -15.03 1.73 -18.70
H52A FAD I . -15.30 0.99 -20.69
H52A FAD I . -15.26 1.73 -20.22
H4B FAD I . -16.29 0.54 -18.15
H4B FAD I . -16.86 0.44 -18.35
H3B FAD I . -16.72 -0.90 -20.30
H3B FAD I . -16.61 -0.48 -20.82
HO3A FAD I . -17.79 -1.25 -18.75
H2B FAD I . -18.08 0.52 -21.26
H2B FAD I . -17.86 0.99 -21.76
HO2A FAD I . -20.05 -0.41 -19.88
HO2A FAD I . -20.10 -0.02 -21.03
H1B FAD I . -19.15 1.15 -18.74
H1B FAD I . -19.41 1.19 -19.40
H8A FAD I . -18.46 2.79 -21.92
H8A FAD I . -18.46 3.05 -22.34
H61A FAD I . -21.77 6.27 -21.72
H61A FAD I . -21.56 6.71 -22.06
H62A FAD I . -23.02 6.39 -20.90
H62A FAD I . -22.82 6.89 -21.26
H2A FAD I . -22.43 3.88 -17.39
H2A FAD I . -22.49 4.16 -17.88
HN3 FAD I . -1.64 -5.67 -19.78
HN3 FAD I . -4.41 -5.93 -24.74
H6 FAD I . -4.96 -7.09 -25.28
H6 FAD I . -10.31 -6.93 -27.60
HM71 FAD I . -6.28 -6.32 -27.98
HM72 FAD I . -6.76 -7.46 -27.07
HM73 FAD I . -7.72 -6.33 -27.46
HM81 FAD I . -8.30 -4.52 -27.26
HM81 FAD I . -13.89 -3.81 -27.34
HM82 FAD I . -7.68 -3.13 -27.04
HM82 FAD I . -13.54 -3.02 -26.06
HM83 FAD I . -8.77 -3.65 -26.09
HM83 FAD I . -14.17 -4.42 -25.96
H9 FAD I . -6.77 -2.94 -24.78
H9 FAD I . -11.52 -3.07 -25.50
H1'1 FAD I . -5.04 -1.94 -21.68
H1'1 FAD I . -8.52 -2.09 -24.22
H1'2 FAD I . -5.79 -1.86 -23.02
H1'2 FAD I . -10.02 -2.40 -24.22
H2' FAD I . -6.79 -2.96 -20.68
H2' FAD I . -8.30 -3.42 -22.29
HO2' FAD I . -8.68 -3.25 -21.92
HO2' FAD I . -10.87 -3.44 -22.03
H3' FAD I . -8.17 -0.97 -22.03
H3' FAD I . -10.07 -1.31 -21.87
HO3' FAD I . -6.06 -0.37 -20.65
HO3' FAD I . -7.60 -0.72 -21.88
H4' FAD I . -7.92 -1.42 -19.31
H4' FAD I . -8.04 -2.02 -20.13
HO4' FAD I . -10.16 -1.57 -20.60
HO4' FAD I . -10.50 -2.76 -20.24
H5'1 FAD I . -9.36 0.66 -20.48
H5'1 FAD I . -8.85 0.30 -20.19
H5'2 FAD I . -8.11 0.87 -19.61
H5'2 FAD I . -8.54 -0.36 -18.83
CL CL J . -2.58 -1.81 -24.02
#